data_6NKH
#
_entry.id   6NKH
#
_cell.length_a   79.368
_cell.length_b   79.368
_cell.length_c   133.586
_cell.angle_alpha   90.000
_cell.angle_beta   90.000
_cell.angle_gamma   90.000
#
_symmetry.space_group_name_H-M   'P 42'
#
loop_
_entity.id
_entity.type
_entity.pdbx_description
1 polymer 'Short chain dehydrogenase'
2 water water
#
_entity_poly.entity_id   1
_entity_poly.type   'polypeptide(L)'
_entity_poly.pdbx_seq_one_letter_code
;MAPTRRSRDLLRGKNVLIIGGTSGIGFAVAQLVIEHGAMACIAGSNPTKLGKALDALKQHPDRDPIAIVQSATCDLFDVP
NLEQNLDNLLKLAAGDSKIHHIVFTAADMVQPPPLASVTIEQIQRVGTIRFTAPMLVAKLLPKYMELCPENSYTLTSGSH
AKQPDPGWSLVTGYCGGVEGLMRGLAVDMMPLRVNVVSPGAVLTPVLRDILGDSLEIALDAARKKSTTGRIARPEDVAEA
YLYIMKDQNITGTVLETSAGMLLR
;
_entity_poly.pdbx_strand_id   A,B,C,D
#
# COMPACT_ATOMS: atom_id res chain seq x y z
N THR A 4 0.91 29.20 -17.20
CA THR A 4 2.20 29.51 -17.82
C THR A 4 2.21 28.86 -19.20
N ARG A 5 3.18 29.22 -20.04
CA ARG A 5 3.11 28.79 -21.43
C ARG A 5 3.33 27.29 -21.56
N ARG A 6 4.20 26.68 -20.73
CA ARG A 6 4.45 25.25 -20.93
C ARG A 6 3.27 24.41 -20.48
N SER A 7 2.64 24.73 -19.35
CA SER A 7 1.37 24.09 -19.04
C SER A 7 0.36 24.31 -20.17
N ARG A 8 0.37 25.52 -20.72
CA ARG A 8 -0.55 25.90 -21.79
C ARG A 8 -0.29 25.07 -23.03
N ASP A 9 1.00 24.83 -23.33
CA ASP A 9 1.39 24.04 -24.50
C ASP A 9 1.20 22.56 -24.27
N LEU A 10 1.33 22.10 -23.01
CA LEU A 10 0.98 20.72 -22.70
C LEU A 10 -0.48 20.43 -23.09
N LEU A 11 -1.38 21.41 -22.90
CA LEU A 11 -2.80 21.14 -23.05
C LEU A 11 -3.56 22.02 -24.03
N ARG A 12 -2.97 23.05 -24.65
CA ARG A 12 -3.72 23.85 -25.63
C ARG A 12 -4.11 22.97 -26.81
N GLY A 13 -5.36 23.13 -27.27
CA GLY A 13 -5.89 22.42 -28.41
C GLY A 13 -6.19 20.96 -28.18
N LYS A 14 -5.89 20.43 -27.00
CA LYS A 14 -6.12 19.03 -26.69
C LYS A 14 -7.57 18.79 -26.28
N ASN A 15 -8.15 17.69 -26.78
CA ASN A 15 -9.52 17.32 -26.38
C ASN A 15 -9.51 16.63 -25.04
N VAL A 16 -10.43 17.05 -24.17
CA VAL A 16 -10.62 16.45 -22.84
C VAL A 16 -12.09 16.09 -22.70
N LEU A 17 -12.37 14.83 -22.46
CA LEU A 17 -13.70 14.37 -22.10
C LEU A 17 -13.77 14.23 -20.58
N ILE A 18 -14.82 14.78 -19.99
CA ILE A 18 -15.02 14.74 -18.54
C ILE A 18 -16.38 14.12 -18.30
N ILE A 19 -16.42 12.82 -17.99
CA ILE A 19 -17.66 12.15 -17.62
C ILE A 19 -17.98 12.49 -16.18
N GLY A 20 -19.09 13.17 -15.95
CA GLY A 20 -19.41 13.68 -14.64
C GLY A 20 -18.94 15.09 -14.40
N GLY A 21 -18.96 15.92 -15.44
CA GLY A 21 -18.48 17.29 -15.38
C GLY A 21 -19.53 18.32 -15.02
N THR A 22 -20.75 17.90 -14.68
CA THR A 22 -21.82 18.85 -14.43
C THR A 22 -21.53 19.70 -13.19
N SER A 23 -21.05 19.08 -12.12
CA SER A 23 -20.75 19.83 -10.91
C SER A 23 -19.69 19.08 -10.10
N GLY A 24 -19.40 19.59 -8.92
CA GLY A 24 -18.43 18.95 -8.06
C GLY A 24 -17.06 18.93 -8.69
N ILE A 25 -16.39 17.80 -8.53
CA ILE A 25 -14.99 17.71 -8.98
C ILE A 25 -14.91 17.83 -10.49
N GLY A 26 -15.80 17.15 -11.22
CA GLY A 26 -15.73 17.18 -12.67
C GLY A 26 -15.83 18.59 -13.23
N PHE A 27 -16.77 19.38 -12.71
CA PHE A 27 -16.93 20.75 -13.19
C PHE A 27 -15.66 21.56 -12.98
N ALA A 28 -15.02 21.41 -11.82
CA ALA A 28 -13.80 22.16 -11.54
C ALA A 28 -12.66 21.72 -12.45
N VAL A 29 -12.58 20.43 -12.73
CA VAL A 29 -11.64 19.94 -13.74
C VAL A 29 -11.92 20.64 -15.07
N ALA A 30 -13.19 20.72 -15.46
CA ALA A 30 -13.55 21.39 -16.70
C ALA A 30 -13.09 22.84 -16.69
N GLN A 31 -13.26 23.54 -15.57
CA GLN A 31 -12.74 24.90 -15.45
C GLN A 31 -11.24 24.97 -15.67
N LEU A 32 -10.47 24.12 -14.98
CA LEU A 32 -9.02 24.15 -15.14
C LEU A 32 -8.63 23.82 -16.57
N VAL A 33 -9.31 22.86 -17.19
CA VAL A 33 -8.98 22.44 -18.54
C VAL A 33 -9.05 23.62 -19.51
N ILE A 34 -10.14 24.38 -19.46
CA ILE A 34 -10.31 25.48 -20.39
C ILE A 34 -9.44 26.69 -20.01
N GLU A 35 -9.05 26.82 -18.74
CA GLU A 35 -8.08 27.86 -18.38
C GLU A 35 -6.71 27.60 -19.01
N HIS A 36 -6.41 26.34 -19.34
CA HIS A 36 -5.14 25.96 -19.97
C HIS A 36 -5.23 25.87 -21.49
N GLY A 37 -6.35 26.30 -22.08
CA GLY A 37 -6.48 26.34 -23.52
C GLY A 37 -6.91 25.04 -24.14
N ALA A 38 -7.45 24.13 -23.35
CA ALA A 38 -7.89 22.83 -23.85
C ALA A 38 -9.37 22.86 -24.19
N MET A 39 -9.76 21.96 -25.09
CA MET A 39 -11.16 21.77 -25.45
C MET A 39 -11.77 20.79 -24.45
N ALA A 40 -12.95 21.13 -23.93
CA ALA A 40 -13.56 20.36 -22.85
C ALA A 40 -14.94 19.89 -23.27
N CYS A 41 -15.18 18.59 -23.16
CA CYS A 41 -16.48 18.00 -23.39
C CYS A 41 -16.96 17.39 -22.08
N ILE A 42 -18.04 17.93 -21.53
CA ILE A 42 -18.59 17.44 -20.28
C ILE A 42 -19.79 16.56 -20.57
N ALA A 43 -19.98 15.55 -19.74
CA ALA A 43 -21.06 14.58 -19.90
C ALA A 43 -21.71 14.34 -18.55
N GLY A 44 -23.02 14.11 -18.57
CA GLY A 44 -23.76 13.91 -17.34
C GLY A 44 -25.09 13.24 -17.60
N SER A 45 -25.79 12.97 -16.50
CA SER A 45 -27.08 12.30 -16.54
C SER A 45 -28.25 13.28 -16.60
N ASN A 46 -28.04 14.54 -16.26
CA ASN A 46 -29.13 15.51 -16.15
C ASN A 46 -29.00 16.63 -17.17
N PRO A 47 -29.91 16.73 -18.14
CA PRO A 47 -29.74 17.78 -19.16
C PRO A 47 -29.93 19.18 -18.61
N THR A 48 -30.80 19.34 -17.60
CA THR A 48 -30.95 20.64 -16.97
C THR A 48 -29.65 21.05 -16.29
N LYS A 49 -29.10 20.16 -15.48
CA LYS A 49 -27.82 20.43 -14.85
C LYS A 49 -26.75 20.66 -15.89
N LEU A 50 -26.75 19.85 -16.95
CA LEU A 50 -25.73 19.95 -17.98
C LEU A 50 -25.79 21.29 -18.69
N GLY A 51 -27.00 21.80 -18.93
CA GLY A 51 -27.14 23.06 -19.62
C GLY A 51 -26.61 24.22 -18.81
N LYS A 52 -26.84 24.21 -17.50
CA LYS A 52 -26.38 25.30 -16.66
C LYS A 52 -24.88 25.24 -16.47
N ALA A 53 -24.33 24.04 -16.32
CA ALA A 53 -22.88 23.93 -16.25
C ALA A 53 -22.24 24.40 -17.54
N LEU A 54 -22.89 24.18 -18.68
CA LEU A 54 -22.25 24.49 -19.95
C LEU A 54 -22.12 26.00 -20.15
N ASP A 55 -23.17 26.77 -19.83
CA ASP A 55 -23.04 28.22 -19.90
C ASP A 55 -22.04 28.74 -18.88
N ALA A 56 -22.03 28.16 -17.67
CA ALA A 56 -21.07 28.58 -16.66
C ALA A 56 -19.64 28.51 -17.18
N LEU A 57 -19.36 27.50 -18.01
CA LEU A 57 -18.01 27.33 -18.55
C LEU A 57 -17.76 28.27 -19.71
N LYS A 58 -18.77 28.52 -20.54
CA LYS A 58 -18.58 29.36 -21.73
C LYS A 58 -18.17 30.79 -21.36
N GLN A 59 -18.70 31.31 -20.24
CA GLN A 59 -18.36 32.64 -19.76
C GLN A 59 -17.56 32.63 -18.46
N HIS A 60 -16.83 31.56 -18.22
CA HIS A 60 -15.80 31.62 -17.20
C HIS A 60 -14.82 32.70 -17.65
N PRO A 61 -14.54 33.72 -16.83
CA PRO A 61 -13.71 34.82 -17.33
C PRO A 61 -12.26 34.41 -17.57
N ASP A 62 -11.76 33.41 -16.85
CA ASP A 62 -10.40 32.93 -17.04
C ASP A 62 -10.29 31.88 -18.14
N ARG A 63 -11.38 31.58 -18.83
CA ARG A 63 -11.31 30.69 -19.99
C ARG A 63 -10.39 31.29 -21.05
N ASP A 64 -9.43 30.49 -21.50
CA ASP A 64 -8.68 30.83 -22.70
C ASP A 64 -9.66 30.97 -23.86
N PRO A 65 -9.71 32.11 -24.53
CA PRO A 65 -10.65 32.26 -25.66
C PRO A 65 -10.66 31.08 -26.60
N ILE A 66 -9.51 30.41 -26.76
CA ILE A 66 -9.39 29.29 -27.68
C ILE A 66 -10.25 28.12 -27.26
N ALA A 67 -10.57 28.01 -25.97
CA ALA A 67 -11.22 26.81 -25.47
C ALA A 67 -12.69 26.77 -25.88
N ILE A 68 -13.07 25.71 -26.60
CA ILE A 68 -14.46 25.43 -26.91
C ILE A 68 -15.00 24.47 -25.87
N VAL A 69 -16.21 24.72 -25.42
CA VAL A 69 -16.88 23.87 -24.45
C VAL A 69 -18.08 23.23 -25.14
N GLN A 70 -18.29 21.94 -24.90
CA GLN A 70 -19.45 21.25 -25.42
C GLN A 70 -19.95 20.27 -24.37
N SER A 71 -21.13 19.73 -24.62
CA SER A 71 -21.78 18.86 -23.66
C SER A 71 -22.46 17.71 -24.38
N ALA A 72 -22.73 16.66 -23.62
CA ALA A 72 -23.50 15.53 -24.12
C ALA A 72 -24.15 14.86 -22.93
N THR A 73 -25.28 14.23 -23.17
CA THR A 73 -26.01 13.49 -22.15
C THR A 73 -25.79 11.99 -22.39
N CYS A 74 -25.40 11.28 -21.33
CA CYS A 74 -25.09 9.87 -21.44
C CYS A 74 -25.61 9.14 -20.20
N ASP A 75 -26.41 8.10 -20.42
CA ASP A 75 -27.04 7.36 -19.33
C ASP A 75 -26.19 6.12 -19.04
N LEU A 76 -25.61 6.07 -17.85
CA LEU A 76 -24.63 5.05 -17.50
C LEU A 76 -25.23 3.86 -16.76
N PHE A 77 -26.54 3.84 -16.51
CA PHE A 77 -27.19 2.69 -15.90
C PHE A 77 -28.02 1.86 -16.87
N ASP A 78 -28.11 2.24 -18.13
CA ASP A 78 -28.93 1.54 -19.11
C ASP A 78 -28.07 0.47 -19.78
N VAL A 79 -28.09 -0.74 -19.21
CA VAL A 79 -27.16 -1.80 -19.62
C VAL A 79 -27.31 -2.12 -21.12
N PRO A 80 -28.50 -2.35 -21.65
CA PRO A 80 -28.61 -2.78 -23.06
C PRO A 80 -27.99 -1.80 -24.06
N ASN A 81 -27.98 -0.51 -23.74
CA ASN A 81 -27.53 0.54 -24.66
C ASN A 81 -26.25 1.21 -24.18
N LEU A 82 -25.60 0.64 -23.16
CA LEU A 82 -24.46 1.29 -22.52
C LEU A 82 -23.28 1.38 -23.45
N GLU A 83 -22.97 0.30 -24.16
CA GLU A 83 -21.81 0.30 -25.03
C GLU A 83 -21.99 1.27 -26.18
N GLN A 84 -23.19 1.34 -26.75
CA GLN A 84 -23.41 2.25 -27.87
C GLN A 84 -23.54 3.69 -27.41
N ASN A 85 -24.15 3.92 -26.25
CA ASN A 85 -24.16 5.28 -25.69
C ASN A 85 -22.74 5.76 -25.44
N LEU A 86 -21.92 4.91 -24.81
CA LEU A 86 -20.52 5.28 -24.59
C LEU A 86 -19.78 5.44 -25.91
N ASP A 87 -20.07 4.60 -26.89
CA ASP A 87 -19.43 4.77 -28.19
C ASP A 87 -19.80 6.11 -28.80
N ASN A 88 -21.07 6.50 -28.69
CA ASN A 88 -21.49 7.78 -29.25
C ASN A 88 -20.84 8.95 -28.52
N LEU A 89 -20.75 8.87 -27.19
CA LEU A 89 -20.10 9.93 -26.43
C LEU A 89 -18.66 10.14 -26.89
N LEU A 90 -17.93 9.05 -27.10
CA LEU A 90 -16.53 9.17 -27.50
C LEU A 90 -16.41 9.73 -28.92
N LYS A 91 -17.27 9.27 -29.82
CA LYS A 91 -17.34 9.90 -31.14
C LYS A 91 -17.48 11.40 -31.03
N LEU A 92 -18.51 11.83 -30.30
CA LEU A 92 -18.74 13.25 -30.08
C LEU A 92 -17.51 13.93 -29.52
N ALA A 93 -16.92 13.32 -28.48
CA ALA A 93 -15.75 13.93 -27.84
C ALA A 93 -14.57 14.01 -28.80
N ALA A 94 -14.37 12.99 -29.62
CA ALA A 94 -13.28 13.02 -30.61
C ALA A 94 -13.53 14.11 -31.64
N GLY A 95 -14.79 14.30 -32.01
CA GLY A 95 -15.13 15.37 -32.93
C GLY A 95 -14.39 15.19 -34.24
N ASP A 96 -13.57 16.18 -34.58
CA ASP A 96 -12.87 16.21 -35.86
C ASP A 96 -11.51 15.50 -35.81
N SER A 97 -10.98 15.22 -34.62
CA SER A 97 -9.72 14.50 -34.51
C SER A 97 -9.83 13.37 -33.51
N LYS A 98 -9.04 13.44 -32.45
CA LYS A 98 -9.00 12.38 -31.45
C LYS A 98 -9.14 12.99 -30.07
N ILE A 99 -9.56 12.15 -29.14
CA ILE A 99 -9.54 12.52 -27.73
C ILE A 99 -8.09 12.42 -27.25
N HIS A 100 -7.74 13.27 -26.31
CA HIS A 100 -6.40 13.23 -25.72
C HIS A 100 -6.39 12.88 -24.25
N HIS A 101 -7.44 13.23 -23.51
CA HIS A 101 -7.50 12.95 -22.08
C HIS A 101 -8.94 12.65 -21.72
N ILE A 102 -9.15 11.56 -21.00
CA ILE A 102 -10.45 11.24 -20.43
C ILE A 102 -10.34 11.29 -18.91
N VAL A 103 -11.32 11.92 -18.28
CA VAL A 103 -11.53 11.89 -16.85
C VAL A 103 -12.87 11.22 -16.58
N PHE A 104 -12.88 10.23 -15.73
CA PHE A 104 -14.10 9.56 -15.31
C PHE A 104 -14.27 9.93 -13.83
N THR A 105 -15.11 10.94 -13.55
CA THR A 105 -15.32 11.31 -12.17
C THR A 105 -16.39 10.43 -11.52
N ALA A 106 -16.24 10.24 -10.22
CA ALA A 106 -17.23 9.54 -9.40
C ALA A 106 -17.46 10.44 -8.20
N ALA A 107 -18.58 11.16 -8.18
CA ALA A 107 -18.91 12.05 -7.08
C ALA A 107 -20.04 11.51 -6.22
N ASP A 108 -20.40 10.25 -6.41
CA ASP A 108 -21.61 9.71 -5.79
C ASP A 108 -21.29 9.02 -4.47
N MET A 109 -22.04 9.37 -3.44
CA MET A 109 -22.10 8.55 -2.22
C MET A 109 -23.53 8.66 -1.69
N VAL A 110 -24.33 7.65 -2.01
CA VAL A 110 -25.62 7.39 -1.38
C VAL A 110 -25.47 6.03 -0.71
N GLN A 111 -25.64 5.99 0.61
CA GLN A 111 -25.40 4.76 1.35
C GLN A 111 -26.26 3.66 0.77
N PRO A 112 -25.70 2.48 0.52
CA PRO A 112 -26.49 1.38 0.00
C PRO A 112 -27.31 0.73 1.10
N PRO A 113 -28.22 -0.17 0.75
CA PRO A 113 -29.08 -0.80 1.75
C PRO A 113 -28.24 -1.56 2.77
N PRO A 114 -28.83 -1.95 3.89
CA PRO A 114 -28.06 -2.76 4.85
C PRO A 114 -27.61 -4.06 4.21
N LEU A 115 -26.43 -4.50 4.62
CA LEU A 115 -25.85 -5.73 4.08
C LEU A 115 -26.86 -6.85 4.11
N ALA A 116 -27.66 -6.92 5.17
CA ALA A 116 -28.59 -8.04 5.32
C ALA A 116 -29.71 -8.02 4.28
N SER A 117 -29.92 -6.90 3.61
CA SER A 117 -31.00 -6.77 2.64
C SER A 117 -30.52 -6.56 1.21
N VAL A 118 -29.22 -6.49 0.99
CA VAL A 118 -28.71 -6.22 -0.35
C VAL A 118 -29.18 -7.32 -1.31
N THR A 119 -29.37 -6.95 -2.57
CA THR A 119 -29.87 -7.87 -3.58
C THR A 119 -28.90 -7.91 -4.76
N ILE A 120 -28.93 -9.01 -5.50
CA ILE A 120 -28.06 -9.14 -6.67
C ILE A 120 -28.28 -7.97 -7.63
N GLU A 121 -29.54 -7.60 -7.86
CA GLU A 121 -29.84 -6.46 -8.72
C GLU A 121 -29.10 -5.21 -8.25
N GLN A 122 -29.12 -4.97 -6.93
CA GLN A 122 -28.45 -3.81 -6.37
C GLN A 122 -26.94 -3.87 -6.58
N ILE A 123 -26.36 -5.03 -6.34
CA ILE A 123 -24.92 -5.20 -6.54
C ILE A 123 -24.55 -4.85 -7.97
N GLN A 124 -25.28 -5.40 -8.93
CA GLN A 124 -24.88 -5.22 -10.32
C GLN A 124 -25.08 -3.80 -10.79
N ARG A 125 -26.00 -3.07 -10.17
CA ARG A 125 -26.20 -1.67 -10.57
C ARG A 125 -24.98 -0.85 -10.23
N VAL A 126 -24.44 -1.02 -9.02
CA VAL A 126 -23.25 -0.29 -8.63
C VAL A 126 -22.09 -0.68 -9.53
N GLY A 127 -21.97 -1.98 -9.83
CA GLY A 127 -20.93 -2.42 -10.72
C GLY A 127 -21.07 -1.86 -12.12
N THR A 128 -22.29 -1.84 -12.64
CA THR A 128 -22.51 -1.27 -13.97
C THR A 128 -21.94 0.14 -14.05
N ILE A 129 -22.24 0.98 -13.06
CA ILE A 129 -21.76 2.35 -13.07
C ILE A 129 -20.29 2.42 -12.68
N ARG A 130 -19.86 1.64 -11.69
CA ARG A 130 -18.51 1.82 -11.19
C ARG A 130 -17.49 1.02 -11.97
N PHE A 131 -17.85 -0.16 -12.49
CA PHE A 131 -16.90 -1.07 -13.10
C PHE A 131 -17.13 -1.25 -14.59
N THR A 132 -18.35 -1.64 -14.98
CA THR A 132 -18.62 -1.98 -16.38
C THR A 132 -18.41 -0.79 -17.30
N ALA A 133 -18.92 0.38 -16.93
CA ALA A 133 -18.79 1.53 -17.79
C ALA A 133 -17.33 1.92 -18.02
N PRO A 134 -16.47 2.04 -17.00
CA PRO A 134 -15.06 2.37 -17.28
C PRO A 134 -14.36 1.32 -18.11
N MET A 135 -14.66 0.04 -17.89
CA MET A 135 -14.15 -1.02 -18.74
C MET A 135 -14.53 -0.77 -20.20
N LEU A 136 -15.80 -0.45 -20.45
CA LEU A 136 -16.26 -0.29 -21.82
C LEU A 136 -15.64 0.93 -22.48
N VAL A 137 -15.49 2.03 -21.75
CA VAL A 137 -14.78 3.18 -22.32
C VAL A 137 -13.38 2.76 -22.76
N ALA A 138 -12.74 1.89 -21.98
CA ALA A 138 -11.42 1.39 -22.34
C ALA A 138 -11.49 0.57 -23.62
N LYS A 139 -12.48 -0.32 -23.71
CA LYS A 139 -12.68 -1.13 -24.91
C LYS A 139 -12.79 -0.28 -26.18
N LEU A 140 -13.62 0.77 -26.13
CA LEU A 140 -13.92 1.60 -27.29
C LEU A 140 -12.85 2.65 -27.53
N LEU A 141 -12.08 2.96 -26.51
CA LEU A 141 -11.17 4.10 -26.55
C LEU A 141 -10.17 4.10 -27.70
N PRO A 142 -9.62 2.96 -28.12
CA PRO A 142 -8.59 3.01 -29.19
C PRO A 142 -9.11 3.55 -30.51
N LYS A 143 -10.43 3.51 -30.73
CA LYS A 143 -10.98 4.08 -31.95
C LYS A 143 -10.87 5.60 -31.97
N TYR A 144 -10.87 6.23 -30.80
CA TYR A 144 -11.00 7.68 -30.72
C TYR A 144 -9.83 8.34 -30.02
N MET A 145 -8.86 7.56 -29.54
CA MET A 145 -7.72 8.07 -28.82
C MET A 145 -6.49 7.25 -29.17
N GLU A 146 -5.38 7.94 -29.35
CA GLU A 146 -4.10 7.28 -29.58
C GLU A 146 -3.55 6.77 -28.26
N LEU A 147 -3.09 5.52 -28.26
CA LEU A 147 -2.52 4.90 -27.07
C LEU A 147 -1.06 5.33 -26.97
N CYS A 148 -0.83 6.46 -26.33
CA CYS A 148 0.52 6.99 -26.18
C CYS A 148 0.61 7.65 -24.81
N PRO A 149 1.84 7.84 -24.30
CA PRO A 149 2.00 8.43 -22.96
C PRO A 149 1.74 9.92 -22.89
N GLU A 150 1.58 10.62 -24.02
CA GLU A 150 1.11 11.99 -23.99
C GLU A 150 -0.37 12.08 -23.62
N ASN A 151 -1.11 10.98 -23.77
CA ASN A 151 -2.52 10.92 -23.43
C ASN A 151 -2.72 10.20 -22.11
N SER A 152 -3.91 10.37 -21.52
CA SER A 152 -4.20 9.78 -20.22
C SER A 152 -5.68 9.46 -20.09
N TYR A 153 -5.96 8.45 -19.29
CA TYR A 153 -7.33 8.08 -18.91
C TYR A 153 -7.34 7.90 -17.41
N THR A 154 -8.13 8.70 -16.72
CA THR A 154 -8.09 8.80 -15.27
C THR A 154 -9.46 8.46 -14.69
N LEU A 155 -9.45 7.57 -13.71
CA LEU A 155 -10.64 7.11 -13.01
C LEU A 155 -10.67 7.72 -11.62
N THR A 156 -11.74 7.45 -10.88
CA THR A 156 -11.92 8.04 -9.56
C THR A 156 -12.40 6.97 -8.58
N SER A 157 -11.71 6.87 -7.44
CA SER A 157 -12.12 5.95 -6.38
C SER A 157 -12.54 6.76 -5.15
N GLY A 158 -11.75 6.72 -4.09
CA GLY A 158 -12.08 7.46 -2.89
C GLY A 158 -11.34 6.93 -1.69
N SER A 159 -11.06 7.81 -0.73
CA SER A 159 -10.35 7.38 0.47
C SER A 159 -11.15 6.32 1.21
N HIS A 160 -12.47 6.31 1.06
CA HIS A 160 -13.28 5.30 1.73
C HIS A 160 -13.04 3.90 1.20
N ALA A 161 -12.31 3.72 0.11
CA ALA A 161 -11.88 2.39 -0.29
C ALA A 161 -10.94 1.77 0.74
N LYS A 162 -10.14 2.62 1.41
CA LYS A 162 -9.17 2.22 2.42
C LYS A 162 -9.71 2.35 3.83
N GLN A 163 -10.53 3.37 4.09
CA GLN A 163 -11.15 3.62 5.39
C GLN A 163 -12.66 3.58 5.25
N PRO A 164 -13.26 2.38 5.30
CA PRO A 164 -14.69 2.27 5.04
C PRO A 164 -15.51 2.82 6.20
N ASP A 165 -16.63 3.41 5.85
CA ASP A 165 -17.67 3.72 6.81
C ASP A 165 -18.60 2.53 6.97
N PRO A 166 -19.13 2.28 8.17
CA PRO A 166 -20.07 1.18 8.31
C PRO A 166 -21.32 1.41 7.48
N GLY A 167 -21.78 0.34 6.84
CA GLY A 167 -22.92 0.40 5.94
C GLY A 167 -22.58 0.60 4.49
N TRP A 168 -21.30 0.71 4.13
CA TRP A 168 -20.91 1.09 2.78
C TRP A 168 -20.13 0.00 2.05
N SER A 169 -20.26 -1.26 2.47
CA SER A 169 -19.36 -2.28 1.95
C SER A 169 -19.50 -2.47 0.44
N LEU A 170 -20.71 -2.41 -0.10
CA LEU A 170 -20.87 -2.53 -1.55
C LEU A 170 -20.08 -1.45 -2.28
N VAL A 171 -20.19 -0.20 -1.82
CA VAL A 171 -19.48 0.90 -2.47
C VAL A 171 -17.97 0.78 -2.25
N THR A 172 -17.56 0.50 -1.01
CA THR A 172 -16.16 0.25 -0.73
C THR A 172 -15.61 -0.84 -1.65
N GLY A 173 -16.36 -1.90 -1.85
CA GLY A 173 -15.91 -3.01 -2.70
C GLY A 173 -15.67 -2.55 -4.14
N TYR A 174 -16.60 -1.85 -4.74
CA TYR A 174 -16.43 -1.38 -6.14
C TYR A 174 -15.35 -0.29 -6.23
N CYS A 175 -15.11 0.46 -5.17
CA CYS A 175 -14.01 1.45 -5.14
C CYS A 175 -12.68 0.71 -5.26
N GLY A 176 -12.53 -0.40 -4.57
CA GLY A 176 -11.32 -1.22 -4.69
C GLY A 176 -11.18 -1.77 -6.10
N GLY A 177 -12.31 -2.15 -6.69
CA GLY A 177 -12.42 -2.62 -8.07
C GLY A 177 -11.98 -1.57 -9.06
N VAL A 178 -12.29 -0.31 -8.83
CA VAL A 178 -11.86 0.75 -9.73
C VAL A 178 -10.33 0.86 -9.72
N GLU A 179 -9.73 0.74 -8.54
CA GLU A 179 -8.28 0.82 -8.44
C GLU A 179 -7.62 -0.41 -9.05
N GLY A 180 -8.21 -1.59 -8.85
CA GLY A 180 -7.71 -2.77 -9.53
C GLY A 180 -7.86 -2.69 -11.04
N LEU A 181 -9.02 -2.21 -11.50
CA LEU A 181 -9.25 -2.05 -12.93
C LEU A 181 -8.21 -1.13 -13.55
N MET A 182 -7.95 0.00 -12.91
CA MET A 182 -6.92 0.91 -13.37
C MET A 182 -5.60 0.20 -13.61
N ARG A 183 -5.19 -0.64 -12.68
CA ARG A 183 -3.91 -1.32 -12.83
C ARG A 183 -3.93 -2.27 -14.02
N GLY A 184 -5.02 -3.03 -14.16
CA GLY A 184 -5.13 -3.92 -15.32
C GLY A 184 -5.12 -3.16 -16.63
N LEU A 185 -5.81 -2.01 -16.67
CA LEU A 185 -5.87 -1.24 -17.89
C LEU A 185 -4.55 -0.55 -18.19
N ALA A 186 -3.79 -0.17 -17.16
CA ALA A 186 -2.49 0.44 -17.39
C ALA A 186 -1.58 -0.50 -18.16
N VAL A 187 -1.78 -1.79 -18.02
CA VAL A 187 -1.03 -2.78 -18.76
C VAL A 187 -1.67 -3.09 -20.10
N ASP A 188 -2.98 -3.32 -20.13
CA ASP A 188 -3.61 -3.71 -21.39
C ASP A 188 -3.71 -2.57 -22.39
N MET A 189 -3.61 -1.32 -21.97
CA MET A 189 -3.71 -0.20 -22.89
C MET A 189 -2.39 0.53 -23.08
N MET A 190 -1.29 -0.04 -22.61
CA MET A 190 -0.02 0.64 -22.74
C MET A 190 0.26 0.89 -24.22
N PRO A 191 0.98 1.98 -24.56
CA PRO A 191 1.61 2.94 -23.65
C PRO A 191 0.73 4.12 -23.25
N LEU A 192 -0.58 3.99 -23.39
CA LEU A 192 -1.48 4.94 -22.75
C LEU A 192 -1.30 4.90 -21.25
N ARG A 193 -1.46 6.05 -20.60
CA ARG A 193 -1.32 6.19 -19.16
C ARG A 193 -2.70 6.14 -18.51
N VAL A 194 -2.84 5.31 -17.49
CA VAL A 194 -4.10 5.10 -16.79
C VAL A 194 -3.83 5.20 -15.29
N ASN A 195 -4.65 6.01 -14.60
CA ASN A 195 -4.42 6.33 -13.21
C ASN A 195 -5.78 6.48 -12.50
N VAL A 196 -5.72 6.60 -11.17
CA VAL A 196 -6.88 6.85 -10.32
C VAL A 196 -6.58 8.03 -9.41
N VAL A 197 -7.56 8.93 -9.27
CA VAL A 197 -7.55 9.93 -8.20
C VAL A 197 -8.48 9.44 -7.11
N SER A 198 -8.01 9.50 -5.86
CA SER A 198 -8.76 9.01 -4.71
C SER A 198 -8.97 10.19 -3.77
N PRO A 199 -10.09 10.90 -3.91
CA PRO A 199 -10.34 12.07 -3.07
C PRO A 199 -10.95 11.73 -1.72
N GLY A 200 -10.78 12.64 -0.79
CA GLY A 200 -11.36 12.52 0.55
C GLY A 200 -12.66 13.29 0.63
N ALA A 201 -12.90 13.93 1.79
CA ALA A 201 -14.08 14.79 1.94
C ALA A 201 -13.89 16.06 1.13
N VAL A 202 -14.79 16.30 0.19
CA VAL A 202 -14.77 17.50 -0.64
C VAL A 202 -16.08 18.23 -0.43
N LEU A 203 -16.02 19.55 -0.25
CA LEU A 203 -17.23 20.31 0.05
C LEU A 203 -17.83 20.70 -1.29
N THR A 204 -18.70 19.86 -1.82
CA THR A 204 -19.40 20.12 -3.07
C THR A 204 -20.78 20.68 -2.77
N PRO A 205 -21.43 21.31 -3.75
CA PRO A 205 -22.78 21.84 -3.48
C PRO A 205 -23.77 20.77 -3.10
N VAL A 206 -23.71 19.59 -3.75
CA VAL A 206 -24.63 18.53 -3.40
C VAL A 206 -24.33 18.00 -2.00
N LEU A 207 -23.05 17.92 -1.62
CA LEU A 207 -22.75 17.49 -0.26
C LEU A 207 -23.44 18.41 0.75
N ARG A 208 -23.29 19.72 0.56
CA ARG A 208 -24.03 20.71 1.34
C ARG A 208 -25.51 20.35 1.43
N ASP A 209 -26.14 20.11 0.27
CA ASP A 209 -27.58 19.95 0.19
C ASP A 209 -28.03 18.68 0.90
N ILE A 210 -27.28 17.59 0.72
CA ILE A 210 -27.61 16.34 1.40
C ILE A 210 -27.65 16.54 2.91
N LEU A 211 -26.56 17.08 3.46
CA LEU A 211 -26.37 17.18 4.90
C LEU A 211 -27.36 18.16 5.52
N GLY A 212 -27.74 19.19 4.78
CA GLY A 212 -28.68 20.17 5.30
C GLY A 212 -28.23 20.69 6.64
N ASP A 213 -29.13 20.60 7.62
CA ASP A 213 -28.80 21.03 8.97
C ASP A 213 -27.63 20.23 9.53
N SER A 214 -27.43 19.00 9.03
CA SER A 214 -26.38 18.13 9.52
C SER A 214 -25.02 18.45 8.94
N LEU A 215 -24.90 19.50 8.13
CA LEU A 215 -23.64 19.80 7.47
C LEU A 215 -22.52 19.99 8.48
N GLU A 216 -22.65 21.00 9.35
CA GLU A 216 -21.49 21.47 10.12
C GLU A 216 -21.00 20.41 11.10
N ILE A 217 -21.88 19.53 11.56
CA ILE A 217 -21.43 18.37 12.34
C ILE A 217 -20.48 17.51 11.51
N ALA A 218 -20.92 17.11 10.32
CA ALA A 218 -20.11 16.25 9.46
C ALA A 218 -18.78 16.89 9.11
N LEU A 219 -18.74 18.23 8.98
CA LEU A 219 -17.49 18.90 8.63
C LEU A 219 -16.55 19.00 9.82
N ASP A 220 -17.08 19.10 11.05
CA ASP A 220 -16.23 19.00 12.22
C ASP A 220 -15.61 17.62 12.34
N ALA A 221 -16.35 16.59 11.92
CA ALA A 221 -15.81 15.24 11.89
C ALA A 221 -14.67 15.16 10.89
N ALA A 222 -14.88 15.67 9.68
CA ALA A 222 -13.87 15.56 8.63
C ALA A 222 -12.63 16.37 8.99
N ARG A 223 -12.79 17.51 9.65
CA ARG A 223 -11.64 18.30 10.06
C ARG A 223 -10.88 17.63 11.19
N LYS A 224 -11.60 17.13 12.18
CA LYS A 224 -11.03 16.29 13.23
C LYS A 224 -10.27 15.10 12.65
N LYS A 225 -10.78 14.52 11.58
CA LYS A 225 -10.15 13.35 10.99
C LYS A 225 -8.96 13.69 10.11
N SER A 226 -8.93 14.89 9.55
CA SER A 226 -7.86 15.29 8.67
C SER A 226 -6.63 15.72 9.47
N THR A 227 -5.54 15.97 8.77
CA THR A 227 -4.42 16.72 9.34
C THR A 227 -4.33 18.14 8.82
N THR A 228 -4.95 18.44 7.68
CA THR A 228 -5.01 19.83 7.21
C THR A 228 -5.94 20.67 8.08
N GLY A 229 -6.92 20.03 8.72
CA GLY A 229 -7.89 20.72 9.53
C GLY A 229 -8.94 21.47 8.75
N ARG A 230 -9.08 21.21 7.46
CA ARG A 230 -10.08 21.91 6.68
C ARG A 230 -10.62 21.00 5.59
N ILE A 231 -11.83 21.35 5.12
CA ILE A 231 -12.52 20.57 4.10
C ILE A 231 -11.97 20.94 2.74
N ALA A 232 -11.85 19.94 1.87
CA ALA A 232 -11.26 20.16 0.56
C ALA A 232 -12.20 20.95 -0.33
N ARG A 233 -11.63 21.89 -1.06
CA ARG A 233 -12.30 22.56 -2.17
C ARG A 233 -12.28 21.64 -3.38
N PRO A 234 -13.34 21.62 -4.19
CA PRO A 234 -13.26 20.89 -5.46
C PRO A 234 -12.12 21.39 -6.34
N GLU A 235 -11.75 22.66 -6.22
CA GLU A 235 -10.64 23.20 -7.00
C GLU A 235 -9.32 22.58 -6.59
N ASP A 236 -9.16 22.24 -5.31
CA ASP A 236 -7.95 21.56 -4.85
C ASP A 236 -7.81 20.20 -5.52
N VAL A 237 -8.88 19.41 -5.48
CA VAL A 237 -8.84 18.05 -6.01
C VAL A 237 -8.66 18.06 -7.52
N ALA A 238 -9.25 19.05 -8.19
CA ALA A 238 -9.16 19.11 -9.65
C ALA A 238 -7.73 19.26 -10.13
N GLU A 239 -6.88 19.93 -9.34
CA GLU A 239 -5.47 20.05 -9.72
C GLU A 239 -4.83 18.67 -9.91
N ALA A 240 -5.30 17.65 -9.19
CA ALA A 240 -4.72 16.33 -9.31
C ALA A 240 -4.96 15.72 -10.68
N TYR A 241 -6.17 15.87 -11.22
CA TYR A 241 -6.47 15.39 -12.57
C TYR A 241 -5.63 16.12 -13.61
N LEU A 242 -5.45 17.43 -13.43
CA LEU A 242 -4.64 18.22 -14.35
C LEU A 242 -3.17 17.82 -14.30
N TYR A 243 -2.63 17.63 -13.10
CA TYR A 243 -1.29 17.09 -12.96
C TYR A 243 -1.10 15.82 -13.79
N ILE A 244 -2.03 14.88 -13.68
CA ILE A 244 -1.92 13.61 -14.38
C ILE A 244 -1.86 13.83 -15.89
N MET A 245 -2.59 14.81 -16.39
CA MET A 245 -2.52 15.14 -17.81
C MET A 245 -1.14 15.66 -18.19
N LYS A 246 -0.48 16.38 -17.29
CA LYS A 246 0.78 17.05 -17.61
C LYS A 246 1.99 16.11 -17.49
N ASP A 247 1.98 15.22 -16.49
CA ASP A 247 3.10 14.33 -16.23
C ASP A 247 2.99 13.11 -17.13
N GLN A 248 3.81 13.06 -18.18
CA GLN A 248 3.77 11.96 -19.12
C GLN A 248 4.52 10.74 -18.62
N ASN A 249 4.94 10.74 -17.36
CA ASN A 249 5.62 9.63 -16.74
C ASN A 249 4.73 8.82 -15.80
N ILE A 250 3.58 9.37 -15.39
CA ILE A 250 2.80 8.78 -14.31
C ILE A 250 1.74 7.86 -14.89
N THR A 251 1.77 6.59 -14.48
CA THR A 251 0.75 5.64 -14.87
C THR A 251 0.71 4.50 -13.85
N GLY A 252 -0.49 3.93 -13.69
CA GLY A 252 -0.68 2.78 -12.84
C GLY A 252 -0.82 3.06 -11.37
N THR A 253 -1.00 4.31 -10.97
CA THR A 253 -0.99 4.63 -9.56
C THR A 253 -2.29 5.27 -9.10
N VAL A 254 -2.49 5.23 -7.79
CA VAL A 254 -3.64 5.80 -7.12
C VAL A 254 -3.15 7.05 -6.40
N LEU A 255 -3.57 8.21 -6.88
CA LEU A 255 -3.17 9.48 -6.30
C LEU A 255 -4.18 9.87 -5.21
N GLU A 256 -3.68 10.00 -3.98
CA GLU A 256 -4.52 10.19 -2.80
C GLU A 256 -4.46 11.66 -2.38
N THR A 257 -5.59 12.35 -2.51
CA THR A 257 -5.73 13.74 -2.06
C THR A 257 -6.93 13.78 -1.10
N SER A 258 -6.64 13.54 0.19
CA SER A 258 -7.70 13.27 1.17
C SER A 258 -7.39 13.86 2.54
N ALA A 259 -6.65 14.97 2.57
CA ALA A 259 -6.51 15.84 3.73
C ALA A 259 -5.77 15.23 4.90
N GLY A 260 -5.14 14.07 4.72
CA GLY A 260 -4.46 13.39 5.80
C GLY A 260 -5.32 12.45 6.59
N MET A 261 -6.59 12.27 6.21
CA MET A 261 -7.45 11.36 6.94
C MET A 261 -6.87 9.96 6.99
N LEU A 262 -6.16 9.55 5.95
CA LEU A 262 -5.61 8.20 5.89
C LEU A 262 -4.48 8.00 6.89
N LEU A 263 -3.93 9.08 7.44
CA LEU A 263 -2.94 9.00 8.51
C LEU A 263 -3.56 8.71 9.85
N ARG A 264 -4.88 8.78 9.96
CA ARG A 264 -5.54 8.64 11.23
C ARG A 264 -6.48 7.45 11.25
N THR B 4 -1.31 29.78 -16.04
CA THR B 4 -2.63 30.38 -15.90
C THR B 4 -2.64 31.31 -14.69
N ARG B 5 -3.61 32.22 -14.65
CA ARG B 5 -3.69 33.18 -13.54
C ARG B 5 -3.88 32.46 -12.21
N ARG B 6 -4.69 31.40 -12.19
CA ARG B 6 -4.91 30.65 -10.95
C ARG B 6 -3.60 30.14 -10.37
N SER B 7 -2.75 29.52 -11.20
CA SER B 7 -1.50 28.93 -10.73
C SER B 7 -0.51 30.01 -10.31
N ARG B 8 -0.41 31.11 -11.08
CA ARG B 8 0.44 32.23 -10.70
C ARG B 8 0.00 32.79 -9.36
N ASP B 9 -1.31 32.89 -9.14
CA ASP B 9 -1.82 33.44 -7.90
C ASP B 9 -1.44 32.56 -6.71
N LEU B 10 -1.38 31.25 -6.90
CA LEU B 10 -1.00 30.37 -5.80
C LEU B 10 0.46 30.54 -5.42
N LEU B 11 1.34 30.80 -6.38
CA LEU B 11 2.77 30.75 -6.11
C LEU B 11 3.51 32.06 -6.31
N ARG B 12 2.88 33.10 -6.87
CA ARG B 12 3.59 34.35 -7.07
C ARG B 12 4.10 34.89 -5.74
N GLY B 13 5.38 35.24 -5.70
CA GLY B 13 6.00 35.82 -4.52
C GLY B 13 6.32 34.86 -3.40
N LYS B 14 6.03 33.58 -3.56
CA LYS B 14 6.27 32.60 -2.50
C LYS B 14 7.74 32.20 -2.49
N ASN B 15 8.29 32.00 -1.30
CA ASN B 15 9.66 31.54 -1.15
C ASN B 15 9.70 30.02 -1.21
N VAL B 16 10.48 29.49 -2.16
CA VAL B 16 10.62 28.05 -2.36
C VAL B 16 12.09 27.69 -2.22
N LEU B 17 12.37 26.73 -1.33
CA LEU B 17 13.70 26.18 -1.14
C LEU B 17 13.78 24.82 -1.81
N ILE B 18 14.68 24.67 -2.77
CA ILE B 18 14.95 23.39 -3.42
C ILE B 18 16.31 22.91 -2.94
N ILE B 19 16.33 21.88 -2.12
CA ILE B 19 17.56 21.26 -1.66
C ILE B 19 17.96 20.21 -2.69
N GLY B 20 19.06 20.45 -3.40
CA GLY B 20 19.38 19.67 -4.57
C GLY B 20 18.90 20.31 -5.87
N GLY B 21 18.87 21.63 -5.93
CA GLY B 21 18.39 22.33 -7.10
C GLY B 21 19.44 22.63 -8.15
N THR B 22 20.66 22.14 -8.00
CA THR B 22 21.71 22.46 -8.97
C THR B 22 21.55 21.66 -10.26
N SER B 23 20.91 20.49 -10.18
CA SER B 23 20.82 19.63 -11.35
C SER B 23 19.66 18.67 -11.18
N GLY B 24 19.25 18.11 -12.31
CA GLY B 24 18.28 17.02 -12.31
C GLY B 24 16.86 17.46 -12.07
N ILE B 25 16.17 16.72 -11.21
CA ILE B 25 14.78 17.06 -10.92
C ILE B 25 14.70 18.38 -10.17
N GLY B 26 15.59 18.58 -9.20
CA GLY B 26 15.55 19.82 -8.44
C GLY B 26 15.71 21.04 -9.31
N PHE B 27 16.56 20.95 -10.34
CA PHE B 27 16.73 22.07 -11.27
C PHE B 27 15.45 22.33 -12.06
N ALA B 28 14.77 21.27 -12.49
CA ALA B 28 13.54 21.45 -13.26
C ALA B 28 12.40 21.93 -12.38
N VAL B 29 12.43 21.57 -11.10
CA VAL B 29 11.47 22.14 -10.14
C VAL B 29 11.72 23.64 -9.99
N ALA B 30 12.98 24.03 -9.85
CA ALA B 30 13.31 25.45 -9.75
C ALA B 30 12.82 26.20 -10.99
N GLN B 31 12.95 25.58 -12.17
CA GLN B 31 12.46 26.22 -13.38
C GLN B 31 10.96 26.47 -13.32
N LEU B 32 10.19 25.45 -12.95
CA LEU B 32 8.73 25.60 -12.96
C LEU B 32 8.28 26.66 -11.96
N VAL B 33 8.93 26.75 -10.80
CA VAL B 33 8.46 27.68 -9.78
C VAL B 33 8.79 29.12 -10.16
N ILE B 34 9.89 29.35 -10.90
CA ILE B 34 10.19 30.72 -11.30
C ILE B 34 9.31 31.14 -12.48
N GLU B 35 8.90 30.19 -13.32
CA GLU B 35 7.91 30.49 -14.35
C GLU B 35 6.62 31.02 -13.74
N HIS B 36 6.34 30.65 -12.49
CA HIS B 36 5.13 31.03 -11.78
C HIS B 36 5.30 32.28 -10.92
N GLY B 37 6.48 32.90 -10.92
CA GLY B 37 6.70 34.08 -10.13
C GLY B 37 7.16 33.84 -8.71
N ALA B 38 7.61 32.63 -8.41
CA ALA B 38 8.06 32.30 -7.06
C ALA B 38 9.55 32.63 -6.89
N MET B 39 9.95 32.81 -5.64
CA MET B 39 11.32 33.16 -5.29
C MET B 39 12.06 31.88 -4.93
N ALA B 40 12.93 31.43 -5.82
CA ALA B 40 13.62 30.16 -5.65
C ALA B 40 14.94 30.37 -4.93
N CYS B 41 15.24 29.44 -4.03
CA CYS B 41 16.57 29.33 -3.42
C CYS B 41 17.01 27.89 -3.63
N ILE B 42 18.05 27.70 -4.43
CA ILE B 42 18.57 26.37 -4.71
C ILE B 42 19.76 26.11 -3.82
N ALA B 43 19.85 24.90 -3.28
CA ALA B 43 20.95 24.50 -2.42
C ALA B 43 21.70 23.32 -3.05
N GLY B 44 23.02 23.36 -2.96
CA GLY B 44 23.85 22.30 -3.46
C GLY B 44 25.10 22.15 -2.62
N SER B 45 25.89 21.13 -2.96
CA SER B 45 27.16 20.89 -2.30
C SER B 45 28.35 21.33 -3.14
N ASN B 46 28.15 21.67 -4.40
CA ASN B 46 29.24 21.98 -5.32
C ASN B 46 29.14 23.43 -5.80
N PRO B 47 30.06 24.31 -5.38
CA PRO B 47 29.88 25.75 -5.66
C PRO B 47 29.90 26.07 -7.14
N THR B 48 30.78 25.43 -7.90
CA THR B 48 30.78 25.63 -9.36
C THR B 48 29.45 25.20 -9.95
N LYS B 49 28.97 24.03 -9.56
CA LYS B 49 27.68 23.55 -10.05
C LYS B 49 26.57 24.54 -9.70
N LEU B 50 26.54 24.98 -8.43
CA LEU B 50 25.61 26.03 -8.03
C LEU B 50 25.67 27.23 -8.96
N GLY B 51 26.78 27.96 -8.91
CA GLY B 51 26.90 29.16 -9.71
C GLY B 51 26.45 28.93 -11.14
N LYS B 52 26.84 27.80 -11.71
CA LYS B 52 26.39 27.46 -13.06
C LYS B 52 24.87 27.35 -13.11
N ALA B 53 24.30 26.55 -12.21
CA ALA B 53 22.85 26.40 -12.19
C ALA B 53 22.17 27.72 -11.86
N LEU B 54 22.61 28.38 -10.78
CA LEU B 54 22.05 29.68 -10.43
C LEU B 54 22.00 30.59 -11.63
N ASP B 55 23.08 30.62 -12.42
CA ASP B 55 23.12 31.45 -13.60
C ASP B 55 22.21 30.90 -14.69
N ALA B 56 22.25 29.58 -14.89
CA ALA B 56 21.30 28.94 -15.79
C ALA B 56 19.87 29.39 -15.47
N LEU B 57 19.50 29.33 -14.20
CA LEU B 57 18.15 29.74 -13.81
C LEU B 57 17.90 31.21 -14.09
N LYS B 58 18.81 32.08 -13.65
CA LYS B 58 18.58 33.52 -13.78
C LYS B 58 18.38 33.95 -15.22
N GLN B 59 18.81 33.14 -16.19
CA GLN B 59 18.65 33.46 -17.59
C GLN B 59 17.47 32.74 -18.24
N HIS B 60 16.72 31.96 -17.47
CA HIS B 60 15.68 31.10 -18.03
C HIS B 60 14.71 31.93 -18.87
N PRO B 61 14.34 31.48 -20.08
CA PRO B 61 13.48 32.30 -20.93
C PRO B 61 12.09 32.57 -20.36
N ASP B 62 11.34 31.52 -20.01
CA ASP B 62 9.99 31.67 -19.46
C ASP B 62 9.99 32.17 -18.02
N ARG B 63 11.15 32.45 -17.43
CA ARG B 63 11.23 33.02 -16.09
C ARG B 63 10.40 34.29 -15.99
N ASP B 64 9.66 34.40 -14.91
CA ASP B 64 8.90 35.61 -14.65
C ASP B 64 9.87 36.71 -14.27
N PRO B 65 9.68 37.93 -14.77
CA PRO B 65 10.62 39.00 -14.42
C PRO B 65 10.76 39.22 -12.92
N ILE B 66 9.68 39.11 -12.15
CA ILE B 66 9.75 39.39 -10.71
C ILE B 66 10.47 38.28 -9.96
N ALA B 67 10.57 37.09 -10.54
CA ALA B 67 11.19 35.97 -9.86
C ALA B 67 12.66 36.24 -9.62
N ILE B 68 13.12 35.97 -8.40
CA ILE B 68 14.50 36.17 -8.01
C ILE B 68 15.05 34.84 -7.49
N VAL B 69 16.26 34.51 -7.90
CA VAL B 69 16.86 33.23 -7.58
C VAL B 69 18.07 33.46 -6.69
N GLN B 70 18.21 32.59 -5.69
CA GLN B 70 19.41 32.56 -4.87
C GLN B 70 19.94 31.15 -4.75
N SER B 71 21.19 31.06 -4.32
CA SER B 71 21.84 29.78 -4.11
C SER B 71 22.48 29.78 -2.74
N ALA B 72 22.82 28.59 -2.27
CA ALA B 72 23.45 28.43 -0.96
C ALA B 72 24.09 27.05 -0.88
N THR B 73 25.38 27.01 -0.55
CA THR B 73 26.06 25.74 -0.43
C THR B 73 25.71 25.08 0.89
N CYS B 74 25.56 23.76 0.87
CA CYS B 74 25.24 23.04 2.10
C CYS B 74 25.68 21.60 1.93
N ASP B 75 26.70 21.20 2.68
CA ASP B 75 27.16 19.82 2.71
C ASP B 75 26.28 19.02 3.66
N LEU B 76 25.56 18.04 3.12
CA LEU B 76 24.61 17.30 3.92
C LEU B 76 25.25 16.14 4.68
N PHE B 77 26.55 15.91 4.52
CA PHE B 77 27.21 14.79 5.19
C PHE B 77 28.07 15.19 6.38
N ASP B 78 28.46 16.46 6.47
CA ASP B 78 29.29 16.94 7.58
C ASP B 78 28.42 17.04 8.84
N VAL B 79 28.46 16.01 9.68
CA VAL B 79 27.53 15.82 10.79
C VAL B 79 27.73 16.89 11.88
N PRO B 80 28.97 17.22 12.29
CA PRO B 80 29.11 18.28 13.30
C PRO B 80 28.52 19.62 12.90
N ASN B 81 28.53 19.95 11.61
CA ASN B 81 28.06 21.25 11.15
C ASN B 81 26.72 21.17 10.42
N LEU B 82 26.08 20.00 10.41
CA LEU B 82 24.88 19.79 9.59
C LEU B 82 23.74 20.66 10.05
N GLU B 83 23.44 20.65 11.34
CA GLU B 83 22.30 21.43 11.84
C GLU B 83 22.51 22.91 11.58
N GLN B 84 23.75 23.39 11.76
CA GLN B 84 24.02 24.81 11.54
C GLN B 84 23.86 25.19 10.08
N ASN B 85 24.40 24.38 9.17
CA ASN B 85 24.29 24.70 7.75
C ASN B 85 22.84 24.72 7.31
N LEU B 86 22.04 23.76 7.79
CA LEU B 86 20.62 23.74 7.45
C LEU B 86 19.90 24.94 8.04
N ASP B 87 20.25 25.32 9.27
CA ASP B 87 19.64 26.50 9.86
C ASP B 87 19.96 27.75 9.03
N ASN B 88 21.22 27.91 8.63
CA ASN B 88 21.59 29.04 7.78
C ASN B 88 20.85 28.99 6.44
N LEU B 89 20.76 27.80 5.85
CA LEU B 89 20.05 27.65 4.59
C LEU B 89 18.59 28.05 4.72
N LEU B 90 17.93 27.58 5.77
CA LEU B 90 16.54 27.96 6.01
C LEU B 90 16.42 29.46 6.19
N LYS B 91 17.32 30.05 6.96
CA LYS B 91 17.27 31.50 7.18
C LYS B 91 17.35 32.26 5.85
N LEU B 92 18.21 31.79 4.95
CA LEU B 92 18.35 32.46 3.65
C LEU B 92 17.09 32.33 2.80
N ALA B 93 16.54 31.12 2.70
CA ALA B 93 15.38 30.90 1.85
C ALA B 93 14.18 31.72 2.30
N ALA B 94 14.04 31.92 3.61
CA ALA B 94 12.96 32.77 4.12
C ALA B 94 13.17 34.23 3.74
N GLY B 95 14.42 34.67 3.70
CA GLY B 95 14.66 36.06 3.38
C GLY B 95 14.11 36.96 4.47
N ASP B 96 13.29 37.91 4.06
CA ASP B 96 12.71 38.88 4.97
C ASP B 96 11.32 38.50 5.45
N SER B 97 10.79 37.35 5.03
CA SER B 97 9.52 36.87 5.57
C SER B 97 9.65 35.40 5.98
N LYS B 98 9.00 34.52 5.22
CA LYS B 98 8.90 33.11 5.58
C LYS B 98 9.08 32.27 4.33
N ILE B 99 9.47 31.02 4.55
CA ILE B 99 9.46 30.03 3.49
C ILE B 99 8.03 29.54 3.35
N HIS B 100 7.61 29.25 2.13
CA HIS B 100 6.29 28.70 1.89
C HIS B 100 6.32 27.25 1.41
N HIS B 101 7.36 26.84 0.68
CA HIS B 101 7.47 25.48 0.18
C HIS B 101 8.90 25.02 0.25
N ILE B 102 9.11 23.79 0.71
CA ILE B 102 10.42 23.17 0.76
C ILE B 102 10.35 21.88 -0.04
N VAL B 103 11.30 21.73 -0.96
CA VAL B 103 11.47 20.51 -1.74
C VAL B 103 12.84 19.94 -1.41
N PHE B 104 12.87 18.67 -1.05
CA PHE B 104 14.12 18.00 -0.72
C PHE B 104 14.27 16.93 -1.82
N THR B 105 15.02 17.24 -2.86
CA THR B 105 15.28 16.30 -3.95
C THR B 105 16.60 15.58 -3.71
N ALA B 106 16.85 14.57 -4.54
CA ALA B 106 18.10 13.83 -4.47
C ALA B 106 18.38 13.16 -5.80
N ALA B 107 19.63 13.25 -6.26
CA ALA B 107 20.19 12.32 -7.24
C ALA B 107 20.78 11.19 -6.41
N ASP B 108 19.94 10.20 -6.08
CA ASP B 108 20.25 9.25 -5.00
C ASP B 108 20.72 7.88 -5.50
N MET B 109 21.11 7.77 -6.77
CA MET B 109 21.39 6.46 -7.34
C MET B 109 22.87 6.35 -7.72
N VAL B 110 23.69 6.24 -6.68
CA VAL B 110 24.99 5.60 -6.74
C VAL B 110 24.88 4.35 -5.87
N GLN B 111 25.19 3.19 -6.46
CA GLN B 111 25.00 1.94 -5.76
C GLN B 111 25.91 1.87 -4.54
N PRO B 112 25.40 1.39 -3.40
CA PRO B 112 26.23 1.28 -2.20
C PRO B 112 27.09 0.03 -2.24
N PRO B 113 27.92 -0.18 -1.22
CA PRO B 113 28.74 -1.39 -1.17
C PRO B 113 27.88 -2.63 -1.06
N PRO B 114 28.41 -3.79 -1.41
CA PRO B 114 27.64 -5.03 -1.23
C PRO B 114 27.26 -5.22 0.23
N LEU B 115 26.09 -5.82 0.44
CA LEU B 115 25.68 -6.21 1.78
C LEU B 115 26.83 -6.91 2.50
N ALA B 116 27.49 -7.85 1.81
CA ALA B 116 28.51 -8.66 2.46
C ALA B 116 29.65 -7.82 3.02
N SER B 117 29.83 -6.60 2.52
CA SER B 117 30.96 -5.78 2.91
C SER B 117 30.59 -4.49 3.62
N VAL B 118 29.31 -4.12 3.66
CA VAL B 118 28.92 -2.80 4.13
C VAL B 118 29.29 -2.64 5.60
N THR B 119 29.70 -1.43 5.97
CA THR B 119 30.16 -1.12 7.32
C THR B 119 29.17 -0.18 8.01
N ILE B 120 29.36 -0.01 9.32
CA ILE B 120 28.46 0.82 10.11
C ILE B 120 28.56 2.29 9.68
N GLU B 121 29.76 2.78 9.40
CA GLU B 121 29.82 4.18 8.98
C GLU B 121 29.21 4.37 7.60
N GLN B 122 29.28 3.34 6.76
CA GLN B 122 28.63 3.41 5.44
C GLN B 122 27.11 3.44 5.58
N ILE B 123 26.55 2.60 6.44
CA ILE B 123 25.13 2.65 6.73
C ILE B 123 24.76 4.05 7.25
N GLN B 124 25.50 4.53 8.25
CA GLN B 124 25.17 5.81 8.85
C GLN B 124 25.32 6.95 7.86
N ARG B 125 26.21 6.83 6.88
CA ARG B 125 26.40 7.95 5.97
C ARG B 125 25.17 8.13 5.09
N VAL B 126 24.60 7.02 4.61
CA VAL B 126 23.33 7.11 3.88
C VAL B 126 22.23 7.57 4.82
N GLY B 127 22.23 7.07 6.05
CA GLY B 127 21.27 7.53 7.04
C GLY B 127 21.35 9.02 7.30
N THR B 128 22.55 9.59 7.26
CA THR B 128 22.69 11.02 7.53
C THR B 128 22.05 11.84 6.43
N ILE B 129 22.36 11.52 5.16
CA ILE B 129 21.84 12.32 4.07
C ILE B 129 20.35 12.04 3.84
N ARG B 130 19.94 10.78 3.92
CA ARG B 130 18.57 10.46 3.54
C ARG B 130 17.57 10.73 4.66
N PHE B 131 17.97 10.54 5.92
CA PHE B 131 17.04 10.57 7.04
C PHE B 131 17.34 11.70 8.03
N THR B 132 18.58 11.78 8.53
CA THR B 132 18.90 12.79 9.54
C THR B 132 18.68 14.20 9.01
N ALA B 133 19.07 14.45 7.76
CA ALA B 133 18.96 15.82 7.22
C ALA B 133 17.52 16.25 7.05
N PRO B 134 16.61 15.46 6.46
CA PRO B 134 15.21 15.87 6.41
C PRO B 134 14.59 16.05 7.79
N MET B 135 15.00 15.23 8.76
CA MET B 135 14.54 15.39 10.12
C MET B 135 14.99 16.72 10.70
N LEU B 136 16.25 17.10 10.46
CA LEU B 136 16.74 18.37 11.00
C LEU B 136 16.07 19.56 10.31
N VAL B 137 15.77 19.46 9.02
CA VAL B 137 14.97 20.50 8.38
C VAL B 137 13.63 20.62 9.09
N ALA B 138 13.02 19.48 9.43
CA ALA B 138 11.74 19.51 10.13
C ALA B 138 11.88 20.13 11.52
N LYS B 139 12.96 19.79 12.23
CA LYS B 139 13.20 20.36 13.56
C LYS B 139 13.23 21.88 13.52
N LEU B 140 13.89 22.46 12.52
CA LEU B 140 14.17 23.88 12.45
C LEU B 140 13.12 24.64 11.68
N LEU B 141 12.33 23.94 10.88
CA LEU B 141 11.39 24.56 9.96
C LEU B 141 10.40 25.53 10.58
N PRO B 142 9.82 25.29 11.75
CA PRO B 142 8.79 26.22 12.25
C PRO B 142 9.32 27.61 12.54
N LYS B 143 10.63 27.75 12.74
CA LYS B 143 11.21 29.06 12.95
C LYS B 143 11.11 29.92 11.71
N TYR B 144 11.06 29.30 10.54
CA TYR B 144 11.14 30.03 9.28
C TYR B 144 9.92 29.80 8.41
N MET B 145 8.96 29.01 8.88
CA MET B 145 7.88 28.54 8.04
C MET B 145 6.67 28.27 8.91
N GLU B 146 5.52 28.74 8.47
CA GLU B 146 4.29 28.57 9.23
C GLU B 146 3.70 27.20 8.94
N LEU B 147 3.09 26.61 9.97
CA LEU B 147 2.49 25.28 9.87
C LEU B 147 1.05 25.45 9.42
N CYS B 148 0.85 25.51 8.11
CA CYS B 148 -0.46 25.74 7.55
C CYS B 148 -0.59 24.96 6.26
N PRO B 149 -1.81 24.59 5.86
CA PRO B 149 -1.97 23.76 4.66
C PRO B 149 -1.73 24.51 3.36
N GLU B 150 -1.52 25.83 3.42
CA GLU B 150 -1.03 26.52 2.24
C GLU B 150 0.40 26.10 1.92
N ASN B 151 1.16 25.72 2.94
CA ASN B 151 2.57 25.42 2.78
C ASN B 151 2.77 23.91 2.60
N SER B 152 3.92 23.54 2.05
CA SER B 152 4.21 22.13 1.85
C SER B 152 5.70 21.88 2.03
N TYR B 153 6.01 20.67 2.47
CA TYR B 153 7.38 20.17 2.57
C TYR B 153 7.38 18.79 1.95
N THR B 154 8.13 18.64 0.85
CA THR B 154 8.08 17.45 0.01
C THR B 154 9.44 16.78 -0.05
N LEU B 155 9.47 15.50 0.32
CA LEU B 155 10.68 14.70 0.28
C LEU B 155 10.69 13.87 -1.01
N THR B 156 11.77 13.13 -1.21
CA THR B 156 11.93 12.32 -2.41
C THR B 156 12.43 10.94 -2.01
N SER B 157 11.75 9.90 -2.49
CA SER B 157 12.22 8.53 -2.32
C SER B 157 12.56 7.95 -3.70
N GLY B 158 11.83 6.95 -4.17
CA GLY B 158 12.15 6.37 -5.46
C GLY B 158 11.52 5.01 -5.65
N SER B 159 11.22 4.66 -6.90
CA SER B 159 10.49 3.42 -7.16
C SER B 159 11.26 2.20 -6.69
N HIS B 160 12.59 2.29 -6.60
CA HIS B 160 13.39 1.24 -6.00
C HIS B 160 13.08 1.03 -4.52
N ALA B 161 12.34 1.94 -3.88
CA ALA B 161 11.81 1.66 -2.55
C ALA B 161 10.92 0.43 -2.57
N LYS B 162 10.16 0.24 -3.65
CA LYS B 162 9.24 -0.88 -3.83
C LYS B 162 9.82 -2.00 -4.69
N GLN B 163 10.57 -1.65 -5.75
CA GLN B 163 11.25 -2.60 -6.62
C GLN B 163 12.76 -2.52 -6.42
N PRO B 164 13.32 -3.26 -5.46
CA PRO B 164 14.76 -3.19 -5.24
C PRO B 164 15.51 -3.90 -6.36
N ASP B 165 16.65 -3.32 -6.76
CA ASP B 165 17.61 -4.06 -7.56
C ASP B 165 18.65 -4.72 -6.67
N PRO B 166 19.24 -5.84 -7.08
CA PRO B 166 20.27 -6.47 -6.24
C PRO B 166 21.43 -5.52 -6.00
N GLY B 167 21.87 -5.47 -4.75
CA GLY B 167 22.96 -4.60 -4.35
C GLY B 167 22.54 -3.31 -3.68
N TRP B 168 21.26 -2.98 -3.68
CA TRP B 168 20.78 -1.67 -3.28
C TRP B 168 20.03 -1.70 -1.94
N SER B 169 20.12 -2.79 -1.17
CA SER B 169 19.26 -2.93 0.01
C SER B 169 19.42 -1.76 0.98
N LEU B 170 20.61 -1.17 1.06
CA LEU B 170 20.80 -0.04 1.98
C LEU B 170 20.06 1.20 1.53
N VAL B 171 20.00 1.45 0.22
CA VAL B 171 19.27 2.60 -0.30
C VAL B 171 17.77 2.33 -0.30
N THR B 172 17.37 1.09 -0.60
CA THR B 172 15.97 0.70 -0.47
C THR B 172 15.47 0.95 0.94
N GLY B 173 16.22 0.48 1.94
CA GLY B 173 15.83 0.68 3.31
C GLY B 173 15.58 2.14 3.65
N TYR B 174 16.57 3.00 3.36
CA TYR B 174 16.39 4.40 3.73
C TYR B 174 15.38 5.12 2.85
N CYS B 175 15.05 4.59 1.66
CA CYS B 175 13.86 5.07 0.97
C CYS B 175 12.61 4.79 1.79
N GLY B 176 12.50 3.56 2.29
CA GLY B 176 11.40 3.24 3.18
C GLY B 176 11.38 4.14 4.41
N GLY B 177 12.55 4.57 4.87
CA GLY B 177 12.60 5.49 6.00
C GLY B 177 12.12 6.88 5.62
N VAL B 178 12.45 7.34 4.41
CA VAL B 178 11.95 8.63 3.95
C VAL B 178 10.44 8.64 3.95
N GLU B 179 9.83 7.57 3.44
CA GLU B 179 8.37 7.51 3.35
C GLU B 179 7.75 7.42 4.72
N GLY B 180 8.37 6.65 5.63
CA GLY B 180 7.89 6.62 7.00
C GLY B 180 8.02 7.97 7.68
N LEU B 181 9.18 8.61 7.53
CA LEU B 181 9.38 9.93 8.13
C LEU B 181 8.32 10.92 7.66
N MET B 182 8.03 10.93 6.36
CA MET B 182 7.00 11.81 5.84
C MET B 182 5.67 11.63 6.55
N ARG B 183 5.27 10.39 6.78
CA ARG B 183 3.98 10.17 7.44
C ARG B 183 4.01 10.64 8.88
N GLY B 184 5.10 10.36 9.60
CA GLY B 184 5.21 10.86 10.96
C GLY B 184 5.21 12.37 11.01
N LEU B 185 5.88 13.02 10.06
CA LEU B 185 5.93 14.47 10.05
C LEU B 185 4.61 15.07 9.63
N ALA B 186 3.91 14.41 8.69
CA ALA B 186 2.59 14.89 8.29
C ALA B 186 1.66 15.00 9.48
N VAL B 187 1.87 14.16 10.49
CA VAL B 187 1.12 14.26 11.75
C VAL B 187 1.77 15.25 12.71
N ASP B 188 3.08 15.09 12.99
CA ASP B 188 3.68 15.91 14.03
C ASP B 188 3.70 17.39 13.67
N MET B 189 3.68 17.72 12.39
CA MET B 189 3.80 19.11 11.96
C MET B 189 2.50 19.65 11.38
N MET B 190 1.40 18.96 11.60
CA MET B 190 0.12 19.41 11.04
C MET B 190 -0.21 20.79 11.60
N PRO B 191 -0.93 21.63 10.83
CA PRO B 191 -1.53 21.36 9.51
C PRO B 191 -0.63 21.65 8.31
N LEU B 192 0.68 21.73 8.53
CA LEU B 192 1.59 21.71 7.39
C LEU B 192 1.40 20.40 6.63
N ARG B 193 1.52 20.48 5.31
CA ARG B 193 1.39 19.30 4.45
C ARG B 193 2.77 18.75 4.14
N VAL B 194 2.93 17.43 4.31
CA VAL B 194 4.19 16.76 4.08
C VAL B 194 3.92 15.55 3.19
N ASN B 195 4.66 15.42 2.10
CA ASN B 195 4.44 14.39 1.09
C ASN B 195 5.78 13.86 0.61
N VAL B 196 5.74 12.80 -0.19
CA VAL B 196 6.90 12.23 -0.87
C VAL B 196 6.57 12.08 -2.34
N VAL B 197 7.52 12.46 -3.20
CA VAL B 197 7.47 12.14 -4.61
C VAL B 197 8.45 11.00 -4.85
N SER B 198 7.97 9.95 -5.53
CA SER B 198 8.73 8.73 -5.74
C SER B 198 8.95 8.56 -7.25
N PRO B 199 10.03 9.09 -7.79
CA PRO B 199 10.26 8.99 -9.23
C PRO B 199 10.94 7.70 -9.64
N GLY B 200 10.77 7.39 -10.93
CA GLY B 200 11.45 6.27 -11.55
C GLY B 200 11.54 6.50 -13.04
N ALA B 201 12.61 5.97 -13.64
CA ALA B 201 12.82 6.05 -15.09
C ALA B 201 12.91 7.49 -15.59
N VAL B 202 13.68 8.31 -14.87
CA VAL B 202 13.99 9.68 -15.28
C VAL B 202 15.47 9.77 -15.60
N LEU B 203 15.81 10.43 -16.70
CA LEU B 203 17.17 10.51 -17.20
C LEU B 203 17.71 11.91 -16.91
N THR B 204 18.68 11.98 -16.01
CA THR B 204 19.30 13.24 -15.64
C THR B 204 20.74 13.30 -16.13
N PRO B 205 21.32 14.50 -16.21
CA PRO B 205 22.73 14.60 -16.65
C PRO B 205 23.69 13.75 -15.83
N VAL B 206 23.66 13.88 -14.51
CA VAL B 206 24.52 13.07 -13.65
C VAL B 206 24.32 11.59 -13.90
N LEU B 207 23.07 11.17 -14.13
CA LEU B 207 22.82 9.75 -14.35
C LEU B 207 23.52 9.27 -15.61
N ARG B 208 23.45 10.03 -16.70
CA ARG B 208 24.06 9.61 -17.94
C ARG B 208 25.55 9.86 -17.81
N GLY B 212 27.75 6.25 -19.40
CA GLY B 212 27.66 6.83 -20.74
C GLY B 212 27.62 5.76 -21.82
N ASP B 213 28.64 4.91 -21.82
CA ASP B 213 28.65 3.75 -22.71
C ASP B 213 27.61 2.73 -22.26
N SER B 214 27.52 2.48 -20.95
CA SER B 214 26.50 1.61 -20.38
C SER B 214 25.15 2.31 -20.26
N LEU B 215 25.12 3.63 -20.51
CA LEU B 215 23.92 4.43 -20.31
C LEU B 215 22.71 3.77 -20.94
N GLU B 216 22.83 3.38 -22.22
CA GLU B 216 21.69 2.89 -22.99
C GLU B 216 21.35 1.41 -22.75
N ILE B 217 22.17 0.65 -22.03
CA ILE B 217 21.72 -0.65 -21.53
C ILE B 217 20.61 -0.45 -20.50
N ALA B 218 20.92 0.28 -19.42
CA ALA B 218 19.99 0.47 -18.32
C ALA B 218 18.70 1.13 -18.79
N LEU B 219 18.81 2.09 -19.71
CA LEU B 219 17.60 2.73 -20.25
C LEU B 219 16.67 1.69 -20.85
N ASP B 220 17.24 0.76 -21.64
CA ASP B 220 16.43 -0.30 -22.24
C ASP B 220 15.82 -1.22 -21.19
N ALA B 221 16.50 -1.42 -20.06
CA ALA B 221 15.91 -2.16 -18.97
C ALA B 221 14.73 -1.40 -18.37
N ALA B 222 14.83 -0.07 -18.33
CA ALA B 222 13.75 0.78 -17.84
C ALA B 222 12.62 0.85 -18.84
N ARG B 223 12.94 1.07 -20.12
CA ARG B 223 11.91 1.11 -21.15
C ARG B 223 11.12 -0.19 -21.23
N LYS B 224 11.80 -1.33 -21.09
CA LYS B 224 11.09 -2.61 -21.14
C LYS B 224 10.28 -2.86 -19.88
N LYS B 225 10.77 -2.39 -18.74
CA LYS B 225 10.09 -2.54 -17.46
C LYS B 225 8.87 -1.63 -17.35
N SER B 226 8.89 -0.51 -18.05
CA SER B 226 7.83 0.48 -17.99
C SER B 226 6.65 0.06 -18.87
N THR B 227 5.54 0.76 -18.69
CA THR B 227 4.42 0.67 -19.61
C THR B 227 4.33 1.85 -20.56
N THR B 228 5.00 2.97 -20.25
CA THR B 228 5.10 4.07 -21.21
C THR B 228 6.10 3.76 -22.32
N GLY B 229 6.94 2.75 -22.14
CA GLY B 229 7.97 2.43 -23.12
C GLY B 229 8.91 3.56 -23.39
N ARG B 230 9.12 4.44 -22.41
CA ARG B 230 9.80 5.69 -22.67
C ARG B 230 10.50 6.18 -21.41
N ILE B 231 11.76 6.58 -21.54
CA ILE B 231 12.43 7.22 -20.43
C ILE B 231 11.85 8.60 -20.23
N ALA B 232 11.72 9.01 -18.99
CA ALA B 232 11.07 10.27 -18.64
C ALA B 232 12.08 11.39 -18.49
N ARG B 233 11.63 12.64 -18.81
CA ARG B 233 12.48 13.80 -18.64
C ARG B 233 12.31 14.35 -17.23
N PRO B 234 13.33 15.00 -16.67
CA PRO B 234 13.15 15.60 -15.34
C PRO B 234 11.96 16.52 -15.28
N GLU B 235 11.63 17.16 -16.42
CA GLU B 235 10.53 18.12 -16.45
C GLU B 235 9.18 17.45 -16.22
N ASP B 236 9.03 16.19 -16.61
CA ASP B 236 7.81 15.45 -16.30
C ASP B 236 7.63 15.30 -14.79
N VAL B 237 8.65 14.76 -14.11
CA VAL B 237 8.56 14.51 -12.68
C VAL B 237 8.43 15.82 -11.92
N ALA B 238 9.05 16.89 -12.42
CA ALA B 238 8.96 18.18 -11.73
C ALA B 238 7.52 18.62 -11.57
N GLU B 239 6.64 18.26 -12.51
CA GLU B 239 5.24 18.65 -12.39
C GLU B 239 4.58 18.08 -11.14
N ALA B 240 5.12 17.00 -10.57
CA ALA B 240 4.56 16.41 -9.36
C ALA B 240 4.83 17.26 -8.13
N TYR B 241 6.04 17.79 -8.03
CA TYR B 241 6.36 18.70 -6.94
C TYR B 241 5.51 19.96 -7.00
N LEU B 242 5.36 20.52 -8.20
CA LEU B 242 4.56 21.73 -8.38
C LEU B 242 3.10 21.47 -8.03
N TYR B 243 2.54 20.34 -8.49
CA TYR B 243 1.19 19.95 -8.13
C TYR B 243 0.99 19.92 -6.60
N ILE B 244 1.92 19.31 -5.88
CA ILE B 244 1.76 19.22 -4.43
C ILE B 244 1.71 20.60 -3.79
N MET B 245 2.49 21.55 -4.32
CA MET B 245 2.43 22.93 -3.84
C MET B 245 1.03 23.52 -4.03
N LYS B 246 0.33 23.13 -5.10
CA LYS B 246 -0.92 23.75 -5.47
C LYS B 246 -2.12 23.14 -4.73
N ASP B 247 -2.12 21.82 -4.56
CA ASP B 247 -3.25 21.10 -3.97
C ASP B 247 -3.16 21.18 -2.45
N GLN B 248 -3.90 22.11 -1.85
CA GLN B 248 -3.84 22.29 -0.41
C GLN B 248 -4.58 21.19 0.35
N ASN B 249 -4.95 20.11 -0.34
CA ASN B 249 -5.64 18.98 0.25
C ASN B 249 -4.76 17.75 0.40
N ILE B 250 -3.59 17.73 -0.24
CA ILE B 250 -2.79 16.50 -0.34
C ILE B 250 -1.71 16.51 0.74
N THR B 251 -1.74 15.50 1.60
CA THR B 251 -0.73 15.35 2.64
C THR B 251 -0.68 13.90 3.09
N GLY B 252 0.52 13.47 3.47
CA GLY B 252 0.75 12.15 4.01
C GLY B 252 0.91 11.03 2.99
N THR B 253 1.06 11.34 1.71
CA THR B 253 1.07 10.30 0.70
C THR B 253 2.35 10.28 -0.10
N VAL B 254 2.54 9.16 -0.78
CA VAL B 254 3.67 8.93 -1.66
C VAL B 254 3.14 8.99 -3.10
N LEU B 255 3.58 9.98 -3.85
CA LEU B 255 3.15 10.19 -5.23
C LEU B 255 4.13 9.46 -6.15
N GLU B 256 3.64 8.44 -6.85
CA GLU B 256 4.47 7.53 -7.64
C GLU B 256 4.43 7.95 -9.09
N THR B 257 5.55 8.43 -9.62
CA THR B 257 5.67 8.80 -11.03
C THR B 257 6.88 8.02 -11.56
N SER B 258 6.63 6.80 -12.05
CA SER B 258 7.71 5.89 -12.38
C SER B 258 7.39 5.02 -13.61
N ALA B 259 6.59 5.54 -14.54
CA ALA B 259 6.40 5.04 -15.90
C ALA B 259 5.70 3.70 -15.98
N GLY B 260 5.11 3.23 -14.90
CA GLY B 260 4.43 1.95 -14.88
C GLY B 260 5.33 0.79 -14.52
N MET B 261 6.58 1.04 -14.18
CA MET B 261 7.47 -0.06 -13.82
C MET B 261 6.96 -0.83 -12.62
N LEU B 262 6.26 -0.16 -11.71
CA LEU B 262 5.73 -0.83 -10.52
C LEU B 262 4.65 -1.84 -10.85
N LEU B 263 4.06 -1.77 -12.03
CA LEU B 263 3.06 -2.75 -12.44
C LEU B 263 3.68 -4.07 -12.90
N ARG B 264 4.99 -4.11 -13.11
CA ARG B 264 5.61 -5.24 -13.78
C ARG B 264 6.73 -5.78 -12.90
N ARG C 6 4.02 -33.76 7.56
CA ARG C 6 4.30 -32.58 6.75
C ARG C 6 4.41 -31.33 7.62
N SER C 7 3.30 -30.63 7.87
CA SER C 7 3.37 -29.39 8.65
C SER C 7 3.81 -29.64 10.09
N ARG C 8 3.63 -30.86 10.61
CA ARG C 8 4.05 -31.16 11.98
C ARG C 8 5.57 -31.12 12.14
N ASP C 9 6.32 -31.42 11.07
CA ASP C 9 7.77 -31.54 11.16
C ASP C 9 8.50 -30.37 10.51
N LEU C 10 7.78 -29.35 10.05
CA LEU C 10 8.45 -28.19 9.44
C LEU C 10 9.46 -27.55 10.39
N LEU C 11 9.21 -27.63 11.69
CA LEU C 11 10.02 -26.96 12.67
C LEU C 11 10.72 -27.89 13.65
N ARG C 12 10.33 -29.15 13.74
CA ARG C 12 10.91 -30.06 14.71
C ARG C 12 12.40 -30.20 14.45
N GLY C 13 13.23 -29.82 15.43
CA GLY C 13 14.67 -29.93 15.33
C GLY C 13 15.39 -28.72 14.77
N LYS C 14 14.65 -27.73 14.26
CA LYS C 14 15.24 -26.57 13.63
C LYS C 14 15.75 -25.59 14.69
N ASN C 15 16.75 -24.79 14.30
CA ASN C 15 17.39 -23.82 15.18
C ASN C 15 16.78 -22.45 14.91
N VAL C 16 16.18 -21.84 15.94
CA VAL C 16 15.55 -20.53 15.84
C VAL C 16 16.26 -19.56 16.76
N LEU C 17 16.46 -18.34 16.28
CA LEU C 17 16.99 -17.24 17.06
C LEU C 17 15.91 -16.17 17.22
N ILE C 18 15.65 -15.78 18.46
CA ILE C 18 14.68 -14.73 18.77
C ILE C 18 15.44 -13.60 19.45
N ILE C 19 15.68 -12.51 18.72
CA ILE C 19 16.33 -11.33 19.28
C ILE C 19 15.25 -10.47 19.94
N GLY C 20 15.29 -10.39 21.26
CA GLY C 20 14.25 -9.74 22.02
C GLY C 20 13.28 -10.74 22.58
N GLY C 21 13.77 -11.90 22.99
CA GLY C 21 12.94 -13.00 23.41
C GLY C 21 12.62 -13.05 24.89
N THR C 22 12.92 -12.01 25.65
CA THR C 22 12.78 -12.11 27.11
C THR C 22 11.35 -11.82 27.57
N SER C 23 10.59 -11.04 26.82
CA SER C 23 9.23 -10.75 27.25
C SER C 23 8.39 -10.34 26.06
N GLY C 24 7.09 -10.26 26.29
CA GLY C 24 6.19 -9.74 25.28
C GLY C 24 6.12 -10.69 24.10
N ILE C 25 6.19 -10.10 22.91
CA ILE C 25 6.01 -10.86 21.68
C ILE C 25 7.13 -11.88 21.52
N GLY C 26 8.36 -11.43 21.73
CA GLY C 26 9.49 -12.34 21.57
C GLY C 26 9.37 -13.57 22.44
N PHE C 27 8.98 -13.38 23.71
CA PHE C 27 8.86 -14.50 24.61
C PHE C 27 7.78 -15.46 24.12
N ALA C 28 6.65 -14.93 23.65
CA ALA C 28 5.57 -15.78 23.17
C ALA C 28 5.98 -16.53 21.91
N VAL C 29 6.80 -15.91 21.05
CA VAL C 29 7.33 -16.63 19.90
C VAL C 29 8.17 -17.82 20.37
N ALA C 30 9.10 -17.57 21.29
CA ALA C 30 9.92 -18.65 21.85
C ALA C 30 9.05 -19.77 22.38
N GLN C 31 7.97 -19.44 23.08
CA GLN C 31 7.04 -20.47 23.55
C GLN C 31 6.51 -21.30 22.39
N LEU C 32 5.91 -20.66 21.40
CA LEU C 32 5.35 -21.43 20.28
C LEU C 32 6.42 -22.27 19.61
N VAL C 33 7.63 -21.72 19.50
CA VAL C 33 8.70 -22.39 18.78
C VAL C 33 9.05 -23.72 19.43
N ILE C 34 9.24 -23.74 20.75
CA ILE C 34 9.60 -24.98 21.44
C ILE C 34 8.41 -25.94 21.56
N GLU C 35 7.18 -25.42 21.53
CA GLU C 35 6.02 -26.29 21.45
C GLU C 35 6.04 -27.12 20.17
N HIS C 36 6.58 -26.56 19.09
CA HIS C 36 6.73 -27.26 17.81
C HIS C 36 8.00 -28.08 17.73
N GLY C 37 8.80 -28.14 18.81
CA GLY C 37 9.97 -28.98 18.87
C GLY C 37 11.25 -28.36 18.40
N ALA C 38 11.29 -27.04 18.25
CA ALA C 38 12.47 -26.38 17.72
C ALA C 38 13.42 -25.97 18.84
N MET C 39 14.65 -25.64 18.43
CA MET C 39 15.70 -25.23 19.35
C MET C 39 15.75 -23.71 19.37
N ALA C 40 15.51 -23.11 20.53
CA ALA C 40 15.35 -21.66 20.63
C ALA C 40 16.54 -21.03 21.34
N CYS C 41 17.11 -20.01 20.71
CA CYS C 41 18.11 -19.15 21.33
C CYS C 41 17.50 -17.76 21.47
N ILE C 42 17.30 -17.32 22.70
CA ILE C 42 16.75 -16.01 22.96
C ILE C 42 17.89 -15.06 23.28
N ALA C 43 17.77 -13.82 22.80
CA ALA C 43 18.73 -12.77 23.08
C ALA C 43 18.01 -11.62 23.75
N GLY C 44 18.76 -10.89 24.56
CA GLY C 44 18.21 -9.76 25.29
C GLY C 44 19.32 -8.93 25.89
N SER C 45 18.92 -7.85 26.57
CA SER C 45 19.86 -6.90 27.11
C SER C 45 20.06 -7.02 28.62
N ASN C 46 19.20 -7.77 29.31
CA ASN C 46 19.27 -7.87 30.76
C ASN C 46 19.49 -9.31 31.20
N PRO C 47 20.65 -9.64 31.79
CA PRO C 47 20.92 -11.03 32.15
C PRO C 47 19.93 -11.58 33.15
N THR C 48 19.44 -10.75 34.07
CA THR C 48 18.47 -11.24 35.04
C THR C 48 17.14 -11.57 34.37
N LYS C 49 16.66 -10.69 33.49
CA LYS C 49 15.42 -10.98 32.79
C LYS C 49 15.61 -12.15 31.83
N LEU C 50 16.76 -12.22 31.16
CA LEU C 50 17.08 -13.40 30.36
C LEU C 50 17.05 -14.66 31.20
N GLY C 51 17.65 -14.62 32.38
CA GLY C 51 17.65 -15.78 33.24
C GLY C 51 16.25 -16.24 33.60
N LYS C 52 15.39 -15.29 33.97
CA LYS C 52 14.01 -15.61 34.28
C LYS C 52 13.31 -16.19 33.06
N ALA C 53 13.45 -15.53 31.92
CA ALA C 53 12.83 -16.03 30.70
C ALA C 53 13.33 -17.42 30.35
N LEU C 54 14.64 -17.65 30.51
CA LEU C 54 15.21 -18.94 30.14
C LEU C 54 14.65 -20.06 30.99
N ASP C 55 14.55 -19.85 32.30
CA ASP C 55 13.95 -20.86 33.17
C ASP C 55 12.49 -21.09 32.83
N ALA C 56 11.74 -20.02 32.60
CA ALA C 56 10.32 -20.16 32.31
C ALA C 56 10.08 -20.96 31.03
N LEU C 57 10.99 -20.87 30.07
CA LEU C 57 10.86 -21.65 28.84
C LEU C 57 11.25 -23.10 29.04
N LYS C 58 12.33 -23.36 29.76
CA LYS C 58 12.69 -24.74 30.09
C LYS C 58 11.57 -25.42 30.88
N GLN C 59 10.87 -24.68 31.73
CA GLN C 59 9.81 -25.21 32.58
C GLN C 59 8.44 -25.22 31.90
N HIS C 60 8.34 -24.64 30.72
CA HIS C 60 7.09 -24.59 29.98
C HIS C 60 6.51 -26.00 29.84
N PRO C 61 5.29 -26.24 30.33
CA PRO C 61 4.76 -27.61 30.27
C PRO C 61 4.61 -28.16 28.86
N ASP C 62 4.21 -27.34 27.90
CA ASP C 62 4.00 -27.80 26.54
C ASP C 62 5.26 -27.76 25.69
N ARG C 63 6.41 -27.49 26.31
CA ARG C 63 7.68 -27.60 25.60
C ARG C 63 7.89 -29.03 25.12
N ASP C 64 8.20 -29.19 23.84
CA ASP C 64 8.52 -30.52 23.32
C ASP C 64 9.77 -31.01 24.03
N PRO C 65 9.81 -32.27 24.46
CA PRO C 65 10.98 -32.74 25.24
C PRO C 65 12.31 -32.52 24.54
N ILE C 66 12.38 -32.70 23.22
CA ILE C 66 13.64 -32.55 22.51
C ILE C 66 14.06 -31.08 22.46
N ALA C 67 13.14 -30.15 22.65
CA ALA C 67 13.44 -28.74 22.46
C ALA C 67 14.40 -28.25 23.55
N ILE C 68 15.54 -27.71 23.12
CA ILE C 68 16.54 -27.16 24.02
C ILE C 68 16.54 -25.65 23.88
N VAL C 69 16.62 -24.95 25.00
CA VAL C 69 16.53 -23.50 25.03
C VAL C 69 17.85 -22.94 25.54
N GLN C 70 18.32 -21.87 24.93
CA GLN C 70 19.49 -21.17 25.44
C GLN C 70 19.30 -19.67 25.29
N SER C 71 20.19 -18.93 25.93
CA SER C 71 20.08 -17.49 26.06
C SER C 71 21.42 -16.85 25.77
N ALA C 72 21.39 -15.56 25.47
CA ALA C 72 22.59 -14.80 25.21
C ALA C 72 22.28 -13.33 25.38
N THR C 73 23.18 -12.62 26.03
CA THR C 73 23.03 -11.19 26.25
C THR C 73 23.71 -10.44 25.11
N CYS C 74 23.09 -9.37 24.66
CA CYS C 74 23.59 -8.62 23.50
C CYS C 74 23.09 -7.19 23.58
N ASP C 75 24.00 -6.24 23.80
CA ASP C 75 23.67 -4.82 23.77
C ASP C 75 23.62 -4.39 22.32
N LEU C 76 22.43 -4.02 21.85
CA LEU C 76 22.26 -3.57 20.48
C LEU C 76 22.56 -2.10 20.30
N PHE C 77 22.93 -1.38 21.37
CA PHE C 77 23.28 0.04 21.28
C PHE C 77 24.78 0.30 21.34
N ASP C 78 25.58 -0.69 21.73
CA ASP C 78 27.04 -0.58 21.79
C ASP C 78 27.59 -0.71 20.36
N VAL C 79 27.76 0.44 19.69
CA VAL C 79 28.16 0.43 18.28
C VAL C 79 29.54 -0.21 18.09
N PRO C 80 30.58 0.21 18.82
CA PRO C 80 31.93 -0.37 18.58
C PRO C 80 31.97 -1.89 18.68
N ASN C 81 31.07 -2.51 19.43
CA ASN C 81 31.05 -3.96 19.61
C ASN C 81 29.87 -4.62 18.93
N LEU C 82 29.05 -3.86 18.20
CA LEU C 82 27.79 -4.38 17.68
C LEU C 82 28.01 -5.54 16.74
N GLU C 83 28.88 -5.35 15.74
CA GLU C 83 29.04 -6.40 14.74
C GLU C 83 29.60 -7.67 15.35
N GLN C 84 30.52 -7.54 16.29
CA GLN C 84 31.10 -8.72 16.92
C GLN C 84 30.09 -9.41 17.83
N ASN C 85 29.29 -8.63 18.56
CA ASN C 85 28.29 -9.22 19.44
C ASN C 85 27.25 -9.99 18.63
N LEU C 86 26.83 -9.43 17.50
CA LEU C 86 25.88 -10.13 16.64
C LEU C 86 26.50 -11.37 16.05
N ASP C 87 27.76 -11.29 15.64
CA ASP C 87 28.45 -12.48 15.14
C ASP C 87 28.44 -13.58 16.20
N ASN C 88 28.77 -13.24 17.45
CA ASN C 88 28.80 -14.23 18.52
C ASN C 88 27.41 -14.78 18.80
N LEU C 89 26.38 -13.94 18.75
CA LEU C 89 25.02 -14.44 18.94
C LEU C 89 24.65 -15.46 17.86
N LEU C 90 24.99 -15.17 16.61
CA LEU C 90 24.64 -16.06 15.52
C LEU C 90 25.40 -17.38 15.63
N LYS C 91 26.67 -17.33 16.02
CA LYS C 91 27.44 -18.55 16.26
C LYS C 91 26.72 -19.45 17.25
N LEU C 92 26.28 -18.87 18.36
CA LEU C 92 25.59 -19.63 19.39
C LEU C 92 24.32 -20.26 18.84
N ALA C 93 23.49 -19.45 18.20
CA ALA C 93 22.19 -19.94 17.72
C ALA C 93 22.37 -21.05 16.70
N ALA C 94 23.48 -21.05 15.97
CA ALA C 94 23.74 -22.10 14.98
C ALA C 94 24.05 -23.43 15.64
N GLY C 95 24.45 -23.42 16.91
CA GLY C 95 24.68 -24.67 17.61
C GLY C 95 25.74 -25.48 16.91
N ASP C 96 25.42 -26.75 16.67
CA ASP C 96 26.31 -27.66 15.95
C ASP C 96 25.88 -27.87 14.49
N SER C 97 25.00 -27.00 13.99
CA SER C 97 24.65 -27.03 12.57
C SER C 97 24.49 -25.61 12.06
N LYS C 98 23.30 -25.26 11.60
CA LYS C 98 23.04 -23.93 11.07
C LYS C 98 21.75 -23.39 11.67
N ILE C 99 21.62 -22.05 11.61
CA ILE C 99 20.34 -21.43 11.93
C ILE C 99 19.36 -21.70 10.80
N HIS C 100 18.09 -21.78 11.14
CA HIS C 100 17.06 -21.95 10.13
C HIS C 100 16.06 -20.81 10.10
N HIS C 101 15.77 -20.18 11.23
CA HIS C 101 14.82 -19.08 11.28
C HIS C 101 15.33 -18.05 12.27
N ILE C 102 15.20 -16.77 11.92
CA ILE C 102 15.58 -15.68 12.80
C ILE C 102 14.40 -14.73 12.94
N VAL C 103 14.09 -14.34 14.18
CA VAL C 103 13.05 -13.37 14.48
C VAL C 103 13.72 -12.19 15.17
N PHE C 104 13.36 -10.99 14.76
CA PHE C 104 13.95 -9.77 15.30
C PHE C 104 12.79 -8.85 15.68
N THR C 105 12.44 -8.87 16.97
CA THR C 105 11.31 -8.15 17.52
C THR C 105 11.69 -6.68 17.71
N ALA C 106 10.66 -5.83 17.75
CA ALA C 106 10.90 -4.40 17.65
C ALA C 106 11.35 -3.83 18.98
N ALA C 107 11.99 -2.66 18.90
CA ALA C 107 12.52 -2.01 20.10
C ALA C 107 11.41 -1.69 21.10
N ASP C 108 10.23 -1.32 20.61
CA ASP C 108 9.08 -0.97 21.46
C ASP C 108 9.49 0.11 22.48
N MET C 109 10.21 1.10 21.96
CA MET C 109 10.68 2.30 22.65
C MET C 109 9.50 3.13 23.17
N VAL C 110 9.81 4.06 24.11
CA VAL C 110 8.86 5.03 24.66
C VAL C 110 8.92 6.30 23.81
N GLN C 111 7.93 7.18 23.97
CA GLN C 111 7.83 8.36 23.13
C GLN C 111 9.14 9.16 23.15
N PRO C 112 9.65 9.58 22.00
CA PRO C 112 10.85 10.41 21.98
C PRO C 112 10.54 11.87 22.28
N PRO C 113 11.57 12.68 22.54
CA PRO C 113 11.34 14.08 22.83
C PRO C 113 10.68 14.80 21.66
N PRO C 114 10.17 16.00 21.87
CA PRO C 114 9.50 16.72 20.79
C PRO C 114 10.44 16.88 19.60
N LEU C 115 9.82 16.98 18.43
CA LEU C 115 10.56 17.21 17.20
C LEU C 115 11.51 18.40 17.35
N ALA C 116 11.03 19.48 17.97
CA ALA C 116 11.87 20.65 18.09
C ALA C 116 13.10 20.42 18.98
N SER C 117 13.13 19.32 19.72
CA SER C 117 14.22 19.02 20.64
C SER C 117 15.18 17.96 20.13
N VAL C 118 14.83 17.28 19.02
CA VAL C 118 15.57 16.09 18.63
C VAL C 118 17.02 16.44 18.29
N THR C 119 17.92 15.49 18.54
CA THR C 119 19.33 15.66 18.24
C THR C 119 19.83 14.54 17.37
N ILE C 120 20.93 14.79 16.67
CA ILE C 120 21.53 13.77 15.81
C ILE C 120 21.84 12.51 16.61
N GLU C 121 22.40 12.67 17.81
CA GLU C 121 22.69 11.53 18.66
C GLU C 121 21.45 10.67 18.89
N GLN C 122 20.30 11.31 19.12
CA GLN C 122 19.06 10.57 19.37
C GLN C 122 18.60 9.85 18.10
N ILE C 123 18.73 10.52 16.96
CA ILE C 123 18.33 9.92 15.69
C ILE C 123 19.14 8.66 15.42
N GLN C 124 20.46 8.74 15.60
CA GLN C 124 21.29 7.60 15.22
C GLN C 124 21.12 6.45 16.19
N ARG C 125 20.79 6.73 17.45
CA ARG C 125 20.56 5.68 18.41
C ARG C 125 19.34 4.85 18.04
N VAL C 126 18.27 5.50 17.59
CA VAL C 126 17.13 4.75 17.06
C VAL C 126 17.57 3.97 15.82
N GLY C 127 18.32 4.62 14.94
CA GLY C 127 18.79 3.96 13.74
C GLY C 127 19.65 2.75 14.03
N THR C 128 20.50 2.85 15.05
CA THR C 128 21.37 1.74 15.40
C THR C 128 20.56 0.50 15.73
N ILE C 129 19.52 0.66 16.56
CA ILE C 129 18.73 -0.47 17.00
C ILE C 129 17.74 -0.93 15.93
N ARG C 130 17.12 0.00 15.22
CA ARG C 130 16.04 -0.37 14.31
C ARG C 130 16.53 -0.68 12.91
N PHE C 131 17.69 -0.18 12.50
CA PHE C 131 18.15 -0.31 11.12
C PHE C 131 19.52 -0.97 11.01
N THR C 132 20.52 -0.42 11.71
CA THR C 132 21.89 -0.93 11.60
C THR C 132 21.98 -2.36 12.11
N ALA C 133 21.42 -2.63 13.28
CA ALA C 133 21.50 -3.99 13.83
C ALA C 133 20.87 -5.02 12.91
N PRO C 134 19.65 -4.84 12.38
CA PRO C 134 19.10 -5.85 11.46
C PRO C 134 19.88 -5.95 10.17
N MET C 135 20.46 -4.84 9.72
CA MET C 135 21.34 -4.86 8.56
C MET C 135 22.54 -5.75 8.81
N LEU C 136 23.18 -5.59 9.98
CA LEU C 136 24.39 -6.36 10.26
C LEU C 136 24.07 -7.84 10.44
N VAL C 137 22.92 -8.17 11.02
CA VAL C 137 22.49 -9.56 11.06
C VAL C 137 22.43 -10.13 9.65
N ALA C 138 21.91 -9.34 8.71
CA ALA C 138 21.81 -9.80 7.33
C ALA C 138 23.19 -10.00 6.71
N LYS C 139 24.11 -9.07 6.95
CA LYS C 139 25.48 -9.21 6.48
C LYS C 139 26.12 -10.51 6.96
N LEU C 140 25.90 -10.87 8.23
CA LEU C 140 26.57 -11.98 8.88
C LEU C 140 25.86 -13.30 8.68
N LEU C 141 24.53 -13.27 8.58
CA LEU C 141 23.69 -14.46 8.44
C LEU C 141 24.24 -15.56 7.53
N PRO C 142 24.74 -15.27 6.33
CA PRO C 142 25.08 -16.36 5.40
C PRO C 142 26.16 -17.29 5.91
N LYS C 143 26.97 -16.84 6.86
CA LYS C 143 27.98 -17.70 7.46
C LYS C 143 27.35 -18.81 8.30
N TYR C 144 26.13 -18.60 8.79
CA TYR C 144 25.54 -19.47 9.78
C TYR C 144 24.20 -20.04 9.36
N MET C 145 23.76 -19.79 8.13
CA MET C 145 22.37 -20.02 7.74
C MET C 145 22.30 -20.12 6.24
N GLU C 146 21.57 -21.12 5.74
CA GLU C 146 21.42 -21.34 4.32
C GLU C 146 20.37 -20.39 3.74
N LEU C 147 20.70 -19.79 2.60
CA LEU C 147 19.81 -18.85 1.94
C LEU C 147 18.91 -19.66 1.02
N CYS C 148 17.74 -20.02 1.53
CA CYS C 148 16.84 -20.93 0.83
C CYS C 148 15.42 -20.69 1.32
N PRO C 149 14.42 -21.05 0.53
CA PRO C 149 13.03 -20.75 0.92
C PRO C 149 12.57 -21.49 2.15
N GLU C 150 13.26 -22.55 2.57
CA GLU C 150 12.88 -23.24 3.80
C GLU C 150 13.16 -22.38 5.02
N ASN C 151 14.13 -21.48 4.93
CA ASN C 151 14.51 -20.65 6.05
C ASN C 151 13.88 -19.27 5.92
N SER C 152 13.90 -18.51 7.02
CA SER C 152 13.27 -17.21 7.03
C SER C 152 13.94 -16.28 8.03
N TYR C 153 13.89 -15.00 7.71
CA TYR C 153 14.37 -13.93 8.58
C TYR C 153 13.27 -12.87 8.65
N THR C 154 12.72 -12.65 9.84
CA THR C 154 11.54 -11.81 10.03
C THR C 154 11.89 -10.66 10.95
N LEU C 155 11.57 -9.45 10.49
CA LEU C 155 11.76 -8.22 11.24
C LEU C 155 10.40 -7.77 11.80
N THR C 156 10.41 -6.65 12.51
CA THR C 156 9.20 -6.15 13.16
C THR C 156 9.10 -4.65 13.00
N SER C 157 7.96 -4.19 12.47
CA SER C 157 7.70 -2.76 12.37
C SER C 157 6.59 -2.38 13.35
N GLY C 158 5.41 -2.04 12.86
CA GLY C 158 4.33 -1.64 13.74
C GLY C 158 3.26 -0.86 13.03
N SER C 159 2.00 -1.02 13.47
CA SER C 159 0.90 -0.37 12.80
C SER C 159 1.03 1.14 12.83
N HIS C 160 1.76 1.69 13.82
CA HIS C 160 2.00 3.12 13.83
C HIS C 160 2.94 3.58 12.71
N ALA C 161 3.50 2.65 11.93
CA ALA C 161 4.19 3.05 10.71
C ALA C 161 3.23 3.75 9.75
N LYS C 162 1.98 3.26 9.66
CA LYS C 162 0.95 3.83 8.81
C LYS C 162 0.08 4.85 9.52
N GLN C 163 -0.19 4.62 10.80
CA GLN C 163 -0.99 5.49 11.66
C GLN C 163 -0.12 6.13 12.74
N PRO C 164 0.59 7.21 12.42
CA PRO C 164 1.53 7.78 13.39
C PRO C 164 0.79 8.43 14.56
N ASP C 165 1.32 8.21 15.75
CA ASP C 165 0.87 8.93 16.93
C ASP C 165 1.62 10.26 17.02
N PRO C 166 0.92 11.36 17.34
CA PRO C 166 1.62 12.66 17.45
C PRO C 166 2.77 12.58 18.45
N GLY C 167 3.91 13.11 18.04
CA GLY C 167 5.10 13.10 18.87
C GLY C 167 6.05 11.95 18.63
N TRP C 168 5.77 11.07 17.66
CA TRP C 168 6.53 9.85 17.47
C TRP C 168 7.28 9.81 16.13
N SER C 169 7.39 10.94 15.43
CA SER C 169 7.86 10.92 14.05
C SER C 169 9.18 10.18 13.87
N LEU C 170 10.10 10.28 14.83
CA LEU C 170 11.37 9.55 14.71
C LEU C 170 11.14 8.04 14.69
N VAL C 171 10.25 7.54 15.55
CA VAL C 171 9.96 6.11 15.59
C VAL C 171 9.18 5.68 14.36
N THR C 172 8.18 6.46 13.97
CA THR C 172 7.46 6.19 12.74
C THR C 172 8.41 6.15 11.55
N GLY C 173 9.38 7.06 11.47
CA GLY C 173 10.30 7.07 10.35
C GLY C 173 11.12 5.79 10.24
N TYR C 174 11.71 5.34 11.34
CA TYR C 174 12.53 4.12 11.37
C TYR C 174 11.66 2.88 11.18
N CYS C 175 10.40 2.93 11.57
CA CYS C 175 9.46 1.84 11.30
C CYS C 175 9.31 1.66 9.79
N GLY C 176 9.17 2.73 9.01
CA GLY C 176 9.18 2.64 7.57
C GLY C 176 10.52 2.21 7.02
N GLY C 177 11.60 2.48 7.76
CA GLY C 177 12.91 2.01 7.36
C GLY C 177 13.04 0.50 7.47
N VAL C 178 12.52 -0.07 8.55
CA VAL C 178 12.52 -1.52 8.71
C VAL C 178 11.80 -2.18 7.53
N GLU C 179 10.62 -1.65 7.17
CA GLU C 179 9.85 -2.24 6.09
C GLU C 179 10.60 -2.11 4.76
N GLY C 180 11.22 -0.96 4.52
CA GLY C 180 12.02 -0.82 3.31
C GLY C 180 13.23 -1.75 3.33
N LEU C 181 13.88 -1.87 4.47
CA LEU C 181 15.03 -2.77 4.57
C LEU C 181 14.62 -4.21 4.29
N MET C 182 13.50 -4.64 4.82
CA MET C 182 13.00 -5.97 4.51
C MET C 182 12.93 -6.19 3.01
N ARG C 183 12.35 -5.25 2.28
CA ARG C 183 12.20 -5.45 0.85
C ARG C 183 13.56 -5.50 0.17
N GLY C 184 14.47 -4.61 0.55
CA GLY C 184 15.82 -4.67 0.02
C GLY C 184 16.53 -5.97 0.34
N LEU C 185 16.35 -6.48 1.55
CA LEU C 185 17.00 -7.73 1.92
C LEU C 185 16.36 -8.92 1.23
N ALA C 186 15.04 -8.89 1.05
CA ALA C 186 14.37 -9.98 0.34
C ALA C 186 14.97 -10.18 -1.04
N VAL C 187 15.51 -9.12 -1.63
CA VAL C 187 16.18 -9.21 -2.90
C VAL C 187 17.65 -9.56 -2.75
N ASP C 188 18.39 -8.85 -1.90
CA ASP C 188 19.83 -9.09 -1.82
C ASP C 188 20.17 -10.42 -1.18
N MET C 189 19.24 -11.06 -0.48
CA MET C 189 19.51 -12.32 0.20
C MET C 189 18.72 -13.49 -0.39
N MET C 190 18.09 -13.31 -1.54
CA MET C 190 17.30 -14.38 -2.12
C MET C 190 18.21 -15.58 -2.39
N PRO C 191 17.68 -16.81 -2.34
CA PRO C 191 16.28 -17.18 -2.13
C PRO C 191 15.90 -17.33 -0.66
N LEU C 192 16.66 -16.77 0.27
CA LEU C 192 16.16 -16.66 1.64
C LEU C 192 14.92 -15.78 1.66
N ARG C 193 13.96 -16.16 2.50
CA ARG C 193 12.73 -15.39 2.66
C ARG C 193 12.89 -14.36 3.77
N VAL C 194 12.49 -13.13 3.50
CA VAL C 194 12.59 -12.02 4.44
C VAL C 194 11.25 -11.29 4.46
N ASN C 195 10.73 -11.02 5.66
CA ASN C 195 9.37 -10.53 5.86
C ASN C 195 9.34 -9.62 7.07
N VAL C 196 8.21 -8.93 7.26
CA VAL C 196 7.98 -8.06 8.42
C VAL C 196 6.63 -8.39 9.03
N VAL C 197 6.59 -8.49 10.36
CA VAL C 197 5.35 -8.51 11.10
C VAL C 197 5.12 -7.12 11.66
N SER C 198 3.93 -6.57 11.43
CA SER C 198 3.56 -5.23 11.89
C SER C 198 2.42 -5.40 12.88
N PRO C 199 2.71 -5.45 14.18
CA PRO C 199 1.64 -5.62 15.17
C PRO C 199 1.06 -4.30 15.64
N GLY C 200 -0.17 -4.37 16.10
CA GLY C 200 -0.84 -3.21 16.64
C GLY C 200 -0.81 -3.19 18.16
N ALA C 201 -1.97 -2.96 18.78
CA ALA C 201 -2.06 -2.84 20.23
C ALA C 201 -2.11 -4.25 20.83
N VAL C 202 -0.99 -4.66 21.42
CA VAL C 202 -0.86 -5.94 22.11
C VAL C 202 -0.64 -5.63 23.58
N LEU C 203 -1.30 -6.37 24.46
CA LEU C 203 -1.16 -6.12 25.89
C LEU C 203 -0.01 -6.99 26.40
N THR C 204 1.23 -6.48 26.30
CA THR C 204 2.42 -7.12 26.85
C THR C 204 2.55 -6.76 28.33
N PRO C 205 3.30 -7.55 29.10
CA PRO C 205 3.42 -7.21 30.54
C PRO C 205 4.10 -5.89 30.73
N VAL C 206 5.12 -5.62 29.91
CA VAL C 206 5.79 -4.32 29.91
C VAL C 206 4.75 -3.22 29.81
N LEU C 207 3.81 -3.37 28.87
CA LEU C 207 2.82 -2.33 28.62
C LEU C 207 2.06 -1.96 29.88
N ARG C 208 1.52 -2.97 30.58
CA ARG C 208 0.66 -2.68 31.73
C ARG C 208 1.42 -1.95 32.84
N ASP C 209 2.72 -2.16 32.97
CA ASP C 209 3.49 -1.36 33.91
C ASP C 209 3.56 0.10 33.47
N ILE C 210 3.70 0.34 32.16
CA ILE C 210 3.93 1.70 31.68
C ILE C 210 2.67 2.55 31.87
N LEU C 211 1.54 2.07 31.34
CA LEU C 211 0.30 2.80 31.50
C LEU C 211 -0.13 2.86 32.96
N GLY C 212 0.00 1.76 33.68
CA GLY C 212 -0.27 1.75 35.09
C GLY C 212 -1.72 2.10 35.37
N ASP C 213 -1.93 3.22 36.06
CA ASP C 213 -3.26 3.64 36.46
C ASP C 213 -4.13 3.97 35.26
N SER C 214 -3.52 4.47 34.19
CA SER C 214 -4.27 4.92 33.01
C SER C 214 -4.59 3.78 32.05
N LEU C 215 -4.28 2.54 32.41
CA LEU C 215 -4.35 1.42 31.47
C LEU C 215 -5.76 1.24 30.92
N GLU C 216 -6.78 1.25 31.79
CA GLU C 216 -8.14 0.97 31.31
C GLU C 216 -8.65 2.08 30.40
N ILE C 217 -8.22 3.33 30.62
CA ILE C 217 -8.48 4.38 29.64
C ILE C 217 -7.92 3.97 28.29
N ALA C 218 -6.62 3.67 28.27
CA ALA C 218 -5.92 3.40 27.01
C ALA C 218 -6.43 2.14 26.32
N LEU C 219 -6.89 1.14 27.08
CA LEU C 219 -7.38 -0.10 26.47
C LEU C 219 -8.77 0.09 25.87
N ASP C 220 -9.61 0.95 26.47
CA ASP C 220 -10.88 1.31 25.83
C ASP C 220 -10.67 2.18 24.60
N ALA C 221 -9.62 3.01 24.60
CA ALA C 221 -9.27 3.76 23.41
C ALA C 221 -8.91 2.82 22.27
N ALA C 222 -7.97 1.90 22.53
CA ALA C 222 -7.54 0.98 21.49
C ALA C 222 -8.69 0.12 21.01
N ARG C 223 -9.51 -0.37 21.95
CA ARG C 223 -10.66 -1.18 21.59
C ARG C 223 -11.60 -0.40 20.69
N LYS C 224 -11.71 0.91 20.91
CA LYS C 224 -12.61 1.75 20.13
C LYS C 224 -12.07 1.95 18.71
N LYS C 225 -10.76 2.04 18.56
CA LYS C 225 -10.14 2.18 17.25
C LYS C 225 -10.12 0.86 16.47
N SER C 226 -10.20 -0.27 17.15
CA SER C 226 -10.15 -1.56 16.47
C SER C 226 -11.53 -1.92 15.94
N THR C 227 -11.57 -2.94 15.09
CA THR C 227 -12.82 -3.59 14.76
C THR C 227 -13.04 -4.89 15.53
N THR C 228 -12.00 -5.46 16.11
CA THR C 228 -12.18 -6.62 16.98
C THR C 228 -12.83 -6.22 18.31
N GLY C 229 -12.62 -4.99 18.73
CA GLY C 229 -13.15 -4.52 20.00
C GLY C 229 -12.37 -4.99 21.21
N ARG C 230 -11.22 -5.63 21.02
CA ARG C 230 -10.44 -6.10 22.14
C ARG C 230 -8.96 -5.94 21.84
N ILE C 231 -8.16 -6.10 22.88
CA ILE C 231 -6.72 -5.91 22.82
C ILE C 231 -6.06 -7.24 22.50
N ALA C 232 -5.06 -7.19 21.63
CA ALA C 232 -4.37 -8.40 21.22
C ALA C 232 -3.55 -8.98 22.36
N ARG C 233 -3.49 -10.30 22.42
CA ARG C 233 -2.60 -11.09 23.25
C ARG C 233 -1.27 -11.28 22.54
N PRO C 234 -0.15 -11.31 23.26
CA PRO C 234 1.12 -11.65 22.59
C PRO C 234 1.07 -12.99 21.88
N GLU C 235 0.34 -13.95 22.42
CA GLU C 235 0.21 -15.27 21.80
C GLU C 235 -0.48 -15.19 20.45
N ASP C 236 -1.38 -14.21 20.28
CA ASP C 236 -2.03 -14.01 18.99
C ASP C 236 -1.02 -13.59 17.93
N VAL C 237 -0.25 -12.54 18.21
CA VAL C 237 0.70 -11.99 17.26
C VAL C 237 1.82 -12.99 16.98
N ALA C 238 2.19 -13.79 17.98
CA ALA C 238 3.26 -14.77 17.78
C ALA C 238 2.89 -15.80 16.72
N GLU C 239 1.59 -16.03 16.51
CA GLU C 239 1.18 -16.96 15.46
C GLU C 239 1.66 -16.51 14.09
N ALA C 240 1.77 -15.19 13.89
CA ALA C 240 2.20 -14.64 12.61
C ALA C 240 3.64 -15.01 12.30
N TYR C 241 4.52 -14.91 13.29
CA TYR C 241 5.93 -15.30 13.09
C TYR C 241 6.04 -16.80 12.78
N LEU C 242 5.32 -17.64 13.54
CA LEU C 242 5.29 -19.08 13.25
C LEU C 242 4.77 -19.37 11.86
N TYR C 243 3.69 -18.70 11.46
CA TYR C 243 3.20 -18.80 10.10
C TYR C 243 4.30 -18.56 9.08
N ILE C 244 5.02 -17.44 9.21
CA ILE C 244 6.04 -17.09 8.23
C ILE C 244 7.10 -18.18 8.14
N MET C 245 7.42 -18.82 9.27
CA MET C 245 8.41 -19.90 9.26
C MET C 245 7.91 -21.09 8.45
N LYS C 246 6.61 -21.34 8.45
CA LYS C 246 6.02 -22.53 7.83
C LYS C 246 5.71 -22.35 6.34
N ASP C 247 5.24 -21.17 5.95
CA ASP C 247 4.89 -20.87 4.56
C ASP C 247 6.16 -20.56 3.78
N GLN C 248 6.63 -21.54 3.02
CA GLN C 248 7.86 -21.40 2.24
C GLN C 248 7.66 -20.61 0.97
N ASN C 249 6.51 -19.96 0.82
CA ASN C 249 6.20 -19.14 -0.34
C ASN C 249 6.18 -17.65 -0.02
N ILE C 250 6.19 -17.25 1.24
CA ILE C 250 5.96 -15.87 1.62
C ILE C 250 7.29 -15.16 1.83
N THR C 251 7.51 -14.10 1.06
CA THR C 251 8.69 -13.26 1.22
C THR C 251 8.40 -11.88 0.65
N GLY C 252 9.01 -10.88 1.27
CA GLY C 252 8.93 -9.53 0.79
C GLY C 252 7.74 -8.72 1.27
N THR C 253 6.97 -9.22 2.22
CA THR C 253 5.74 -8.53 2.58
C THR C 253 5.70 -8.17 4.05
N VAL C 254 4.78 -7.24 4.34
CA VAL C 254 4.51 -6.75 5.69
C VAL C 254 3.21 -7.37 6.16
N LEU C 255 3.28 -8.20 7.19
CA LEU C 255 2.12 -8.91 7.71
C LEU C 255 1.50 -8.06 8.82
N GLU C 256 0.31 -7.52 8.55
CA GLU C 256 -0.37 -6.59 9.44
C GLU C 256 -1.32 -7.36 10.34
N THR C 257 -1.02 -7.37 11.64
CA THR C 257 -1.89 -7.97 12.64
C THR C 257 -2.10 -6.91 13.72
N SER C 258 -3.13 -6.07 13.53
CA SER C 258 -3.30 -4.87 14.34
C SER C 258 -4.76 -4.55 14.61
N ALA C 259 -5.62 -5.57 14.69
CA ALA C 259 -6.97 -5.50 15.24
C ALA C 259 -7.95 -4.68 14.41
N GLY C 260 -7.60 -4.32 13.18
CA GLY C 260 -8.47 -3.54 12.35
C GLY C 260 -8.36 -2.05 12.55
N MET C 261 -7.46 -1.59 13.40
CA MET C 261 -7.27 -0.16 13.58
C MET C 261 -6.97 0.54 12.27
N LEU C 262 -6.35 -0.16 11.32
CA LEU C 262 -5.93 0.44 10.07
C LEU C 262 -7.11 0.69 9.14
N LEU C 263 -8.27 0.13 9.44
CA LEU C 263 -9.49 0.42 8.71
C LEU C 263 -10.13 1.73 9.13
N ARG C 264 -9.64 2.34 10.20
CA ARG C 264 -10.27 3.53 10.73
C ARG C 264 -9.30 4.70 10.60
N PRO D 3 1.08 -31.30 15.64
CA PRO D 3 -0.16 -30.59 15.89
C PRO D 3 -0.22 -30.17 17.35
N THR D 4 0.34 -29.01 17.67
CA THR D 4 0.57 -28.70 19.08
C THR D 4 -0.77 -28.59 19.80
N ARG D 5 -0.71 -28.72 21.13
CA ARG D 5 -1.92 -28.63 21.94
C ARG D 5 -2.57 -27.26 21.77
N ARG D 6 -1.75 -26.19 21.78
CA ARG D 6 -2.29 -24.84 21.63
C ARG D 6 -3.06 -24.69 20.31
N SER D 7 -2.52 -25.23 19.22
CA SER D 7 -3.17 -25.12 17.91
C SER D 7 -4.46 -25.94 17.85
N ARG D 8 -4.45 -27.13 18.45
CA ARG D 8 -5.62 -27.99 18.44
C ARG D 8 -6.73 -27.40 19.30
N ASP D 9 -6.39 -26.84 20.47
CA ASP D 9 -7.41 -26.17 21.28
C ASP D 9 -8.12 -25.10 20.46
N LEU D 10 -7.36 -24.30 19.70
CA LEU D 10 -7.95 -23.21 18.93
C LEU D 10 -8.95 -23.72 17.91
N LEU D 11 -8.72 -24.89 17.33
CA LEU D 11 -9.55 -25.36 16.24
C LEU D 11 -10.35 -26.61 16.53
N ARG D 12 -10.01 -27.37 17.57
CA ARG D 12 -10.69 -28.63 17.82
C ARG D 12 -12.19 -28.42 17.93
N GLY D 13 -12.94 -29.20 17.16
CA GLY D 13 -14.39 -29.16 17.19
C GLY D 13 -15.03 -28.01 16.44
N LYS D 14 -14.24 -27.12 15.85
CA LYS D 14 -14.78 -25.98 15.15
C LYS D 14 -15.33 -26.40 13.78
N ASN D 15 -16.35 -25.68 13.32
CA ASN D 15 -16.91 -25.91 12.00
C ASN D 15 -16.24 -24.95 11.00
N VAL D 16 -15.63 -25.51 9.96
CA VAL D 16 -14.93 -24.74 8.94
C VAL D 16 -15.57 -25.05 7.59
N LEU D 17 -16.03 -24.01 6.90
CA LEU D 17 -16.57 -24.13 5.56
C LEU D 17 -15.53 -23.66 4.55
N ILE D 18 -15.32 -24.47 3.52
CA ILE D 18 -14.28 -24.20 2.52
C ILE D 18 -14.99 -24.22 1.18
N ILE D 19 -15.20 -23.05 0.60
CA ILE D 19 -15.87 -22.92 -0.69
C ILE D 19 -14.79 -22.98 -1.76
N GLY D 20 -14.81 -24.05 -2.55
CA GLY D 20 -13.70 -24.40 -3.40
C GLY D 20 -12.73 -25.37 -2.78
N GLY D 21 -13.20 -26.25 -1.89
CA GLY D 21 -12.36 -27.20 -1.20
C GLY D 21 -12.07 -28.49 -1.94
N THR D 22 -12.55 -28.61 -3.18
CA THR D 22 -12.38 -29.87 -3.92
C THR D 22 -10.93 -30.07 -4.35
N SER D 23 -10.21 -29.00 -4.62
CA SER D 23 -8.89 -29.14 -5.19
C SER D 23 -8.04 -27.91 -4.87
N GLY D 24 -6.74 -28.06 -5.12
CA GLY D 24 -5.82 -26.94 -5.06
C GLY D 24 -5.66 -26.44 -3.65
N ILE D 25 -5.74 -25.12 -3.51
CA ILE D 25 -5.53 -24.48 -2.22
C ILE D 25 -6.63 -24.88 -1.24
N GLY D 26 -7.88 -24.91 -1.70
CA GLY D 26 -8.98 -25.30 -0.84
C GLY D 26 -8.78 -26.67 -0.25
N PHE D 27 -8.46 -27.65 -1.09
CA PHE D 27 -8.21 -29.00 -0.59
C PHE D 27 -7.14 -29.00 0.48
N ALA D 28 -6.05 -28.26 0.27
CA ALA D 28 -4.95 -28.26 1.22
C ALA D 28 -5.37 -27.64 2.55
N VAL D 29 -6.21 -26.62 2.51
CA VAL D 29 -6.76 -26.05 3.74
C VAL D 29 -7.60 -27.09 4.46
N ALA D 30 -8.46 -27.78 3.72
CA ALA D 30 -9.25 -28.87 4.30
C ALA D 30 -8.34 -29.86 5.02
N GLN D 31 -7.23 -30.25 4.38
CA GLN D 31 -6.26 -31.11 5.05
C GLN D 31 -5.83 -30.54 6.39
N LEU D 32 -5.34 -29.29 6.39
CA LEU D 32 -4.76 -28.74 7.60
C LEU D 32 -5.77 -28.60 8.72
N VAL D 33 -7.02 -28.24 8.39
CA VAL D 33 -8.01 -28.03 9.43
C VAL D 33 -8.42 -29.36 10.06
N ILE D 34 -8.52 -30.42 9.27
CA ILE D 34 -8.91 -31.70 9.86
C ILE D 34 -7.76 -32.30 10.66
N GLU D 35 -6.51 -32.01 10.29
CA GLU D 35 -5.39 -32.38 11.13
C GLU D 35 -5.54 -31.81 12.54
N HIS D 36 -6.22 -30.66 12.65
CA HIS D 36 -6.44 -30.00 13.93
C HIS D 36 -7.70 -30.47 14.65
N GLY D 37 -8.43 -31.43 14.08
CA GLY D 37 -9.64 -31.89 14.71
C GLY D 37 -10.84 -31.00 14.48
N ALA D 38 -10.79 -30.16 13.46
CA ALA D 38 -11.92 -29.31 13.12
C ALA D 38 -12.81 -30.03 12.11
N MET D 39 -14.06 -29.59 12.02
CA MET D 39 -15.03 -30.18 11.11
C MET D 39 -15.00 -29.39 9.81
N ALA D 40 -14.58 -30.03 8.73
CA ALA D 40 -14.48 -29.38 7.44
C ALA D 40 -15.67 -29.76 6.58
N CYS D 41 -16.34 -28.74 6.04
CA CYS D 41 -17.37 -28.90 5.03
C CYS D 41 -16.86 -28.27 3.74
N ILE D 42 -16.71 -29.08 2.70
CA ILE D 42 -16.18 -28.60 1.43
C ILE D 42 -17.34 -28.35 0.47
N ALA D 43 -17.14 -27.42 -0.45
CA ALA D 43 -18.13 -27.08 -1.45
C ALA D 43 -17.44 -26.97 -2.80
N GLY D 44 -18.16 -27.37 -3.84
CA GLY D 44 -17.62 -27.35 -5.17
C GLY D 44 -18.70 -27.26 -6.22
N SER D 45 -18.29 -26.92 -7.44
CA SER D 45 -19.21 -26.85 -8.55
C SER D 45 -19.43 -28.21 -9.21
N ASN D 46 -18.46 -29.14 -9.08
CA ASN D 46 -18.53 -30.42 -9.76
C ASN D 46 -18.71 -31.56 -8.77
N PRO D 47 -19.75 -32.38 -8.95
CA PRO D 47 -20.14 -33.32 -7.88
C PRO D 47 -19.21 -34.51 -7.71
N THR D 48 -18.68 -35.06 -8.79
CA THR D 48 -17.76 -36.18 -8.63
C THR D 48 -16.33 -35.71 -8.45
N LYS D 49 -16.03 -34.46 -8.81
CA LYS D 49 -14.79 -33.88 -8.35
C LYS D 49 -14.82 -33.71 -6.84
N LEU D 50 -16.02 -33.44 -6.29
CA LEU D 50 -16.20 -33.53 -4.85
C LEU D 50 -16.00 -34.94 -4.34
N GLY D 51 -16.39 -35.93 -5.13
CA GLY D 51 -16.20 -37.31 -4.74
C GLY D 51 -14.75 -37.62 -4.47
N LYS D 52 -13.92 -37.49 -5.49
CA LYS D 52 -12.47 -37.54 -5.33
C LYS D 52 -12.07 -36.85 -4.03
N ALA D 53 -12.26 -35.54 -3.99
CA ALA D 53 -11.79 -34.75 -2.85
C ALA D 53 -12.34 -35.30 -1.54
N LEU D 54 -13.66 -35.47 -1.47
CA LEU D 54 -14.28 -35.91 -0.24
C LEU D 54 -13.68 -37.22 0.24
N ASP D 55 -13.48 -38.16 -0.69
CA ASP D 55 -12.85 -39.43 -0.34
C ASP D 55 -11.38 -39.25 0.03
N ALA D 56 -10.65 -38.48 -0.77
CA ALA D 56 -9.25 -38.22 -0.46
C ALA D 56 -9.09 -37.59 0.92
N LEU D 57 -9.88 -36.55 1.20
CA LEU D 57 -9.84 -35.93 2.52
C LEU D 57 -10.08 -36.96 3.61
N LYS D 58 -11.19 -37.71 3.50
CA LYS D 58 -11.57 -38.64 4.55
C LYS D 58 -10.49 -39.68 4.81
N GLN D 59 -9.59 -39.94 3.87
CA GLN D 59 -8.61 -40.98 4.05
C GLN D 59 -7.21 -40.40 4.28
N HIS D 60 -7.14 -39.18 4.80
CA HIS D 60 -5.88 -38.48 5.01
C HIS D 60 -5.13 -39.07 6.20
N PRO D 61 -3.81 -39.26 6.08
CA PRO D 61 -3.10 -39.95 7.17
C PRO D 61 -3.04 -39.17 8.48
N ASP D 62 -2.81 -37.87 8.43
CA ASP D 62 -2.62 -37.08 9.64
C ASP D 62 -3.92 -36.55 10.23
N ARG D 63 -5.07 -37.04 9.74
CA ARG D 63 -6.37 -36.57 10.22
C ARG D 63 -6.57 -36.88 11.70
N ASP D 64 -6.96 -35.86 12.45
CA ASP D 64 -7.39 -36.08 13.83
C ASP D 64 -8.53 -37.09 13.83
N PRO D 65 -8.45 -38.17 14.60
CA PRO D 65 -9.52 -39.18 14.55
C PRO D 65 -10.91 -38.58 14.66
N ILE D 66 -11.04 -37.46 15.38
CA ILE D 66 -12.34 -36.87 15.67
C ILE D 66 -12.87 -35.97 14.56
N ALA D 67 -12.03 -35.59 13.60
CA ALA D 67 -12.46 -34.66 12.56
C ALA D 67 -13.45 -35.34 11.61
N ILE D 68 -14.52 -34.62 11.28
CA ILE D 68 -15.50 -35.08 10.30
C ILE D 68 -15.31 -34.26 9.03
N VAL D 69 -15.76 -34.83 7.92
CA VAL D 69 -15.71 -34.15 6.64
C VAL D 69 -17.06 -34.31 5.96
N GLN D 70 -17.46 -33.29 5.20
CA GLN D 70 -18.68 -33.38 4.43
C GLN D 70 -18.61 -32.41 3.26
N SER D 71 -19.50 -32.61 2.29
CA SER D 71 -19.43 -31.88 1.04
C SER D 71 -20.80 -31.34 0.68
N ALA D 72 -20.83 -30.62 -0.44
CA ALA D 72 -22.03 -30.01 -0.98
C ALA D 72 -21.70 -29.37 -2.32
N THR D 73 -22.68 -29.29 -3.22
CA THR D 73 -22.42 -28.60 -4.49
C THR D 73 -23.05 -27.22 -4.46
N CYS D 74 -22.44 -26.30 -5.19
CA CYS D 74 -22.92 -24.92 -5.21
C CYS D 74 -22.32 -24.26 -6.44
N ASP D 75 -23.16 -23.90 -7.43
CA ASP D 75 -22.67 -23.30 -8.67
C ASP D 75 -22.74 -21.78 -8.50
N LEU D 76 -21.59 -21.13 -8.52
CA LEU D 76 -21.55 -19.72 -8.16
C LEU D 76 -21.89 -18.80 -9.33
N PHE D 77 -22.35 -19.35 -10.45
CA PHE D 77 -22.74 -18.54 -11.60
C PHE D 77 -24.24 -18.51 -11.84
N ASP D 78 -24.97 -19.54 -11.39
CA ASP D 78 -26.43 -19.61 -11.54
C ASP D 78 -27.07 -18.54 -10.68
N VAL D 79 -27.37 -17.39 -11.30
CA VAL D 79 -27.83 -16.21 -10.57
C VAL D 79 -29.22 -16.40 -10.00
N PRO D 80 -30.20 -16.91 -10.77
CA PRO D 80 -31.55 -17.08 -10.20
C PRO D 80 -31.56 -17.93 -8.95
N ASN D 81 -30.57 -18.81 -8.78
CA ASN D 81 -30.52 -19.76 -7.67
C ASN D 81 -29.31 -19.57 -6.79
N LEU D 82 -28.56 -18.47 -6.96
CA LEU D 82 -27.30 -18.30 -6.24
C LEU D 82 -27.54 -18.09 -4.74
N GLU D 83 -28.43 -17.17 -4.39
CA GLU D 83 -28.61 -16.83 -2.98
C GLU D 83 -29.14 -18.01 -2.19
N GLN D 84 -30.00 -18.81 -2.80
CA GLN D 84 -30.57 -19.94 -2.08
C GLN D 84 -29.56 -21.05 -1.90
N ASN D 85 -28.81 -21.37 -2.96
CA ASN D 85 -27.82 -22.43 -2.87
C ASN D 85 -26.74 -22.08 -1.85
N LEU D 86 -26.34 -20.81 -1.81
CA LEU D 86 -25.43 -20.34 -0.77
C LEU D 86 -26.07 -20.47 0.61
N ASP D 87 -27.31 -20.03 0.74
CA ASP D 87 -28.01 -20.19 2.01
C ASP D 87 -28.08 -21.66 2.39
N ASN D 88 -28.44 -22.53 1.44
CA ASN D 88 -28.49 -23.95 1.75
C ASN D 88 -27.11 -24.48 2.11
N LEU D 89 -26.08 -24.04 1.40
CA LEU D 89 -24.72 -24.42 1.74
C LEU D 89 -24.38 -24.04 3.17
N LEU D 90 -24.59 -22.78 3.53
CA LEU D 90 -24.28 -22.33 4.89
C LEU D 90 -25.04 -23.14 5.93
N LYS D 91 -26.33 -23.37 5.70
CA LYS D 91 -27.12 -24.14 6.65
C LYS D 91 -26.49 -25.50 6.90
N LEU D 92 -25.97 -26.14 5.85
CA LEU D 92 -25.31 -27.44 6.01
C LEU D 92 -24.07 -27.33 6.90
N ALA D 93 -23.19 -26.36 6.61
CA ALA D 93 -21.93 -26.27 7.35
C ALA D 93 -22.18 -25.95 8.82
N ALA D 94 -23.19 -25.12 9.09
CA ALA D 94 -23.54 -24.80 10.48
C ALA D 94 -24.00 -26.05 11.22
N GLY D 95 -24.68 -26.95 10.53
CA GLY D 95 -25.20 -28.13 11.18
C GLY D 95 -26.06 -27.77 12.37
N ASP D 96 -25.78 -28.41 13.49
CA ASP D 96 -26.53 -28.23 14.72
C ASP D 96 -25.93 -27.16 15.61
N SER D 97 -24.95 -26.42 15.14
CA SER D 97 -24.40 -25.31 15.90
C SER D 97 -24.25 -24.10 14.99
N LYS D 98 -23.01 -23.63 14.84
CA LYS D 98 -22.71 -22.48 14.02
C LYS D 98 -21.46 -22.79 13.21
N ILE D 99 -21.28 -22.03 12.16
CA ILE D 99 -20.00 -22.03 11.46
C ILE D 99 -19.04 -21.16 12.25
N HIS D 100 -17.78 -21.54 12.27
CA HIS D 100 -16.77 -20.74 12.96
C HIS D 100 -15.79 -20.08 12.02
N HIS D 101 -15.48 -20.71 10.89
CA HIS D 101 -14.54 -20.15 9.92
C HIS D 101 -15.05 -20.43 8.52
N ILE D 102 -14.99 -19.42 7.66
CA ILE D 102 -15.32 -19.57 6.25
C ILE D 102 -14.09 -19.21 5.44
N VAL D 103 -13.79 -20.04 4.45
CA VAL D 103 -12.75 -19.79 3.47
C VAL D 103 -13.38 -19.79 2.10
N PHE D 104 -13.17 -18.73 1.34
CA PHE D 104 -13.70 -18.63 -0.01
C PHE D 104 -12.45 -18.66 -0.91
N THR D 105 -12.10 -19.85 -1.41
CA THR D 105 -10.93 -19.97 -2.26
C THR D 105 -11.27 -19.42 -3.65
N ALA D 106 -10.26 -18.84 -4.28
CA ALA D 106 -10.46 -17.89 -5.36
C ALA D 106 -10.96 -18.58 -6.61
N ALA D 107 -11.64 -17.79 -7.45
CA ALA D 107 -11.91 -18.23 -8.82
C ALA D 107 -10.59 -18.23 -9.58
N ASP D 108 -10.39 -19.25 -10.41
CA ASP D 108 -9.08 -19.63 -10.92
C ASP D 108 -8.58 -18.65 -11.98
N MET D 109 -7.42 -18.99 -12.53
CA MET D 109 -6.72 -18.15 -13.50
C MET D 109 -6.95 -18.75 -14.89
N VAL D 110 -8.04 -18.33 -15.52
CA VAL D 110 -8.31 -18.57 -16.93
C VAL D 110 -8.40 -17.19 -17.59
N GLN D 111 -7.54 -16.95 -18.56
CA GLN D 111 -7.46 -15.63 -19.17
C GLN D 111 -8.80 -15.25 -19.78
N PRO D 112 -9.33 -14.07 -19.50
CA PRO D 112 -10.59 -13.65 -20.11
C PRO D 112 -10.38 -13.20 -21.54
N PRO D 113 -11.45 -12.83 -22.24
CA PRO D 113 -11.32 -12.40 -23.63
C PRO D 113 -10.44 -11.18 -23.73
N PRO D 114 -9.88 -10.90 -24.91
CA PRO D 114 -9.17 -9.64 -25.08
C PRO D 114 -10.10 -8.46 -24.81
N LEU D 115 -9.57 -7.46 -24.11
CA LEU D 115 -10.29 -6.24 -23.78
C LEU D 115 -11.09 -5.74 -24.97
N ALA D 116 -10.50 -5.83 -26.16
CA ALA D 116 -11.14 -5.30 -27.36
C ALA D 116 -12.45 -5.99 -27.69
N SER D 117 -12.67 -7.20 -27.16
CA SER D 117 -13.85 -7.99 -27.50
C SER D 117 -14.67 -8.38 -26.29
N VAL D 118 -14.34 -7.88 -25.10
CA VAL D 118 -15.09 -8.26 -23.91
C VAL D 118 -16.49 -7.67 -23.99
N THR D 119 -17.47 -8.44 -23.52
CA THR D 119 -18.88 -8.02 -23.53
C THR D 119 -19.41 -7.85 -22.11
N ILE D 120 -20.51 -7.10 -21.99
CA ILE D 120 -21.12 -6.87 -20.68
C ILE D 120 -21.48 -8.19 -20.01
N GLU D 121 -21.98 -9.15 -20.78
CA GLU D 121 -22.30 -10.44 -20.18
C GLU D 121 -21.06 -11.08 -19.60
N GLN D 122 -19.91 -10.89 -20.26
CA GLN D 122 -18.66 -11.45 -19.77
C GLN D 122 -18.19 -10.75 -18.50
N ILE D 123 -18.25 -9.42 -18.48
CA ILE D 123 -17.86 -8.66 -17.30
C ILE D 123 -18.69 -9.09 -16.10
N GLN D 124 -19.99 -9.26 -16.29
CA GLN D 124 -20.89 -9.50 -15.18
C GLN D 124 -20.77 -10.91 -14.63
N ARG D 125 -20.23 -11.85 -15.39
CA ARG D 125 -20.15 -13.20 -14.86
C ARG D 125 -18.92 -13.39 -13.99
N VAL D 126 -17.81 -12.73 -14.34
CA VAL D 126 -16.67 -12.70 -13.44
C VAL D 126 -17.06 -12.05 -12.12
N GLY D 127 -17.90 -11.01 -12.19
CA GLY D 127 -18.32 -10.33 -10.98
C GLY D 127 -19.30 -11.14 -10.15
N THR D 128 -20.19 -11.88 -10.80
CA THR D 128 -21.08 -12.76 -10.05
C THR D 128 -20.29 -13.70 -9.16
N ILE D 129 -19.25 -14.32 -9.70
CA ILE D 129 -18.50 -15.33 -8.95
C ILE D 129 -17.50 -14.68 -7.99
N ARG D 130 -16.80 -13.63 -8.43
CA ARG D 130 -15.74 -13.07 -7.60
C ARG D 130 -16.27 -12.10 -6.56
N PHE D 131 -17.37 -11.40 -6.84
CA PHE D 131 -17.85 -10.33 -5.97
C PHE D 131 -19.24 -10.61 -5.44
N THR D 132 -20.21 -10.88 -6.32
CA THR D 132 -21.58 -11.08 -5.86
C THR D 132 -21.66 -12.24 -4.86
N ALA D 133 -21.04 -13.37 -5.21
CA ALA D 133 -21.15 -14.53 -4.33
C ALA D 133 -20.58 -14.28 -2.95
N PRO D 134 -19.36 -13.76 -2.78
CA PRO D 134 -18.89 -13.46 -1.42
C PRO D 134 -19.71 -12.40 -0.72
N MET D 135 -20.24 -11.44 -1.48
CA MET D 135 -21.17 -10.47 -0.93
C MET D 135 -22.40 -11.15 -0.36
N LEU D 136 -22.95 -12.13 -1.09
CA LEU D 136 -24.13 -12.84 -0.61
C LEU D 136 -23.81 -13.73 0.58
N VAL D 137 -22.65 -14.37 0.60
CA VAL D 137 -22.25 -15.12 1.78
C VAL D 137 -22.24 -14.22 3.00
N ALA D 138 -21.73 -12.99 2.85
CA ALA D 138 -21.72 -12.06 3.97
C ALA D 138 -23.13 -11.65 4.38
N LYS D 139 -24.03 -11.47 3.39
CA LYS D 139 -25.43 -11.18 3.68
C LYS D 139 -26.05 -12.24 4.60
N LEU D 140 -25.81 -13.51 4.27
CA LEU D 140 -26.49 -14.65 4.90
C LEU D 140 -25.75 -15.16 6.13
N LEU D 141 -24.44 -15.01 6.16
CA LEU D 141 -23.59 -15.48 7.25
C LEU D 141 -24.14 -15.25 8.65
N PRO D 142 -24.58 -14.05 9.03
CA PRO D 142 -24.96 -13.83 10.43
C PRO D 142 -26.01 -14.78 10.91
N LYS D 143 -26.86 -15.28 10.00
CA LYS D 143 -27.85 -16.27 10.38
C LYS D 143 -27.19 -17.58 10.81
N TYR D 144 -25.95 -17.82 10.40
CA TYR D 144 -25.32 -19.12 10.63
C TYR D 144 -23.99 -19.01 11.35
N MET D 145 -23.53 -17.79 11.66
CA MET D 145 -22.20 -17.60 12.20
C MET D 145 -22.19 -16.40 13.14
N GLU D 146 -21.52 -16.55 14.27
CA GLU D 146 -21.44 -15.48 15.26
C GLU D 146 -20.43 -14.42 14.80
N LEU D 147 -20.77 -13.16 15.03
CA LEU D 147 -19.86 -12.07 14.69
C LEU D 147 -18.98 -11.85 15.92
N CYS D 148 -17.84 -12.53 15.95
CA CYS D 148 -16.90 -12.39 17.06
C CYS D 148 -15.50 -12.57 16.52
N PRO D 149 -14.49 -12.02 17.21
CA PRO D 149 -13.11 -12.13 16.72
C PRO D 149 -12.53 -13.53 16.79
N GLU D 150 -13.18 -14.48 17.46
CA GLU D 150 -12.72 -15.85 17.40
C GLU D 150 -12.97 -16.47 16.04
N ASN D 151 -13.88 -15.91 15.27
CA ASN D 151 -14.24 -16.46 13.97
C ASN D 151 -13.61 -15.63 12.84
N SER D 152 -13.61 -16.19 11.65
CA SER D 152 -13.03 -15.48 10.50
C SER D 152 -13.77 -15.84 9.19
N TYR D 153 -13.83 -14.90 8.26
CA TYR D 153 -14.30 -15.04 6.89
C TYR D 153 -13.08 -14.63 6.06
N THR D 154 -12.54 -15.53 5.25
CA THR D 154 -11.35 -15.24 4.46
C THR D 154 -11.67 -15.42 2.99
N LEU D 155 -11.36 -14.39 2.28
CA LEU D 155 -11.52 -14.34 0.84
C LEU D 155 -10.16 -14.53 0.17
N THR D 156 -10.17 -14.61 -1.16
CA THR D 156 -8.95 -14.87 -1.89
C THR D 156 -8.89 -13.94 -3.10
N SER D 157 -7.77 -13.24 -3.25
CA SER D 157 -7.53 -12.41 -4.43
C SER D 157 -6.41 -13.03 -5.28
N GLY D 158 -5.23 -12.44 -5.29
CA GLY D 158 -4.16 -12.99 -6.10
C GLY D 158 -3.10 -11.97 -6.43
N SER D 159 -1.87 -12.42 -6.65
CA SER D 159 -0.76 -11.50 -6.88
C SER D 159 -0.99 -10.65 -8.13
N HIS D 160 -1.72 -11.18 -9.11
CA HIS D 160 -2.04 -10.42 -10.31
C HIS D 160 -2.92 -9.22 -10.02
N ALA D 161 -3.48 -9.09 -8.81
CA ALA D 161 -4.15 -7.86 -8.43
C ALA D 161 -3.21 -6.66 -8.52
N LYS D 162 -1.91 -6.88 -8.29
CA LYS D 162 -0.91 -5.82 -8.29
C LYS D 162 0.06 -5.91 -9.45
N GLN D 163 0.35 -7.12 -9.95
CA GLN D 163 1.13 -7.33 -11.16
C GLN D 163 0.24 -7.85 -12.28
N PRO D 164 -0.42 -6.99 -13.04
CA PRO D 164 -1.26 -7.47 -14.13
C PRO D 164 -0.42 -8.10 -15.24
N ASP D 165 -0.97 -9.12 -15.86
CA ASP D 165 -0.49 -9.62 -17.12
C ASP D 165 -1.34 -9.08 -18.26
N PRO D 166 -0.76 -8.88 -19.45
CA PRO D 166 -1.58 -8.40 -20.57
C PRO D 166 -2.75 -9.33 -20.84
N GLY D 167 -3.92 -8.73 -21.01
CA GLY D 167 -5.13 -9.48 -21.30
C GLY D 167 -5.94 -9.90 -20.10
N TRP D 168 -5.53 -9.53 -18.89
CA TRP D 168 -6.18 -9.98 -17.66
C TRP D 168 -6.89 -8.84 -16.93
N SER D 169 -7.11 -7.71 -17.60
CA SER D 169 -7.61 -6.52 -16.91
C SER D 169 -8.93 -6.78 -16.18
N LEU D 170 -9.78 -7.67 -16.69
CA LEU D 170 -11.05 -7.95 -16.03
C LEU D 170 -10.85 -8.66 -14.70
N VAL D 171 -9.96 -9.66 -14.66
CA VAL D 171 -9.69 -10.40 -13.44
C VAL D 171 -8.93 -9.54 -12.43
N THR D 172 -7.87 -8.87 -12.88
CA THR D 172 -7.21 -7.88 -12.03
C THR D 172 -8.22 -6.89 -11.46
N GLY D 173 -9.21 -6.52 -12.25
CA GLY D 173 -10.23 -5.60 -11.78
C GLY D 173 -10.97 -6.14 -10.58
N TYR D 174 -11.52 -7.36 -10.68
CA TYR D 174 -12.27 -7.84 -9.54
C TYR D 174 -11.42 -8.38 -8.40
N CYS D 175 -10.14 -8.71 -8.63
CA CYS D 175 -9.28 -8.99 -7.48
C CYS D 175 -9.17 -7.78 -6.56
N GLY D 176 -9.02 -6.59 -7.13
CA GLY D 176 -9.08 -5.40 -6.31
C GLY D 176 -10.43 -5.20 -5.67
N GLY D 177 -11.49 -5.60 -6.37
CA GLY D 177 -12.81 -5.55 -5.78
C GLY D 177 -12.95 -6.47 -4.59
N VAL D 178 -12.35 -7.67 -4.67
CA VAL D 178 -12.38 -8.60 -3.55
C VAL D 178 -11.68 -7.99 -2.34
N GLU D 179 -10.54 -7.34 -2.57
CA GLU D 179 -9.79 -6.73 -1.47
C GLU D 179 -10.56 -5.55 -0.87
N GLY D 180 -11.13 -4.69 -1.73
CA GLY D 180 -11.99 -3.63 -1.23
C GLY D 180 -13.20 -4.16 -0.46
N LEU D 181 -13.80 -5.23 -0.96
CA LEU D 181 -14.95 -5.81 -0.28
C LEU D 181 -14.56 -6.33 1.10
N MET D 182 -13.39 -6.95 1.20
CA MET D 182 -12.89 -7.43 2.48
C MET D 182 -12.81 -6.29 3.50
N ARG D 183 -12.25 -5.16 3.09
CA ARG D 183 -12.13 -4.05 4.03
C ARG D 183 -13.50 -3.52 4.44
N GLY D 184 -14.42 -3.39 3.47
CA GLY D 184 -15.76 -2.93 3.81
C GLY D 184 -16.49 -3.88 4.73
N LEU D 185 -16.34 -5.18 4.48
CA LEU D 185 -16.96 -6.17 5.35
C LEU D 185 -16.25 -6.27 6.69
N ALA D 186 -14.93 -6.07 6.71
CA ALA D 186 -14.21 -6.03 7.97
C ALA D 186 -14.79 -4.97 8.90
N VAL D 187 -15.35 -3.91 8.33
CA VAL D 187 -16.04 -2.91 9.12
C VAL D 187 -17.50 -3.26 9.33
N ASP D 188 -18.24 -3.57 8.26
CA ASP D 188 -19.68 -3.76 8.42
C ASP D 188 -20.01 -4.95 9.31
N MET D 189 -19.14 -5.96 9.37
CA MET D 189 -19.44 -7.18 10.10
C MET D 189 -18.62 -7.30 11.38
N MET D 190 -18.03 -6.22 11.86
CA MET D 190 -17.23 -6.29 13.06
C MET D 190 -18.12 -6.72 14.24
N PRO D 191 -17.55 -7.42 15.24
CA PRO D 191 -16.14 -7.77 15.39
C PRO D 191 -15.74 -9.10 14.75
N LEU D 192 -16.52 -9.59 13.81
CA LEU D 192 -16.04 -10.69 12.98
C LEU D 192 -14.80 -10.25 12.23
N ARG D 193 -13.84 -11.15 12.07
CA ARG D 193 -12.61 -10.84 11.36
C ARG D 193 -12.74 -11.27 9.90
N VAL D 194 -12.42 -10.35 8.99
CA VAL D 194 -12.45 -10.61 7.56
C VAL D 194 -11.10 -10.22 6.98
N ASN D 195 -10.58 -11.05 6.08
CA ASN D 195 -9.23 -10.91 5.54
C ASN D 195 -9.19 -11.45 4.11
N VAL D 196 -8.08 -11.20 3.43
CA VAL D 196 -7.82 -11.72 2.10
C VAL D 196 -6.45 -12.38 2.09
N VAL D 197 -6.37 -13.56 1.49
CA VAL D 197 -5.10 -14.19 1.15
C VAL D 197 -4.89 -13.99 -0.34
N SER D 198 -3.69 -13.53 -0.70
CA SER D 198 -3.36 -13.21 -2.09
C SER D 198 -2.22 -14.11 -2.51
N PRO D 199 -2.52 -15.25 -3.13
CA PRO D 199 -1.46 -16.18 -3.51
C PRO D 199 -0.87 -15.88 -4.87
N GLY D 200 0.31 -16.45 -5.07
CA GLY D 200 1.05 -16.32 -6.31
C GLY D 200 2.08 -17.41 -6.45
N ALA D 201 2.24 -17.91 -7.67
CA ALA D 201 3.23 -18.95 -7.98
C ALA D 201 2.89 -20.26 -7.29
N VAL D 202 1.64 -20.71 -7.45
CA VAL D 202 1.15 -21.91 -6.80
C VAL D 202 0.79 -22.95 -7.86
N LEU D 203 1.27 -24.17 -7.66
CA LEU D 203 1.16 -25.28 -8.59
C LEU D 203 0.08 -26.25 -8.10
N THR D 204 -1.03 -26.31 -8.82
CA THR D 204 -2.20 -27.13 -8.53
C THR D 204 -2.47 -28.01 -9.72
N PRO D 205 -3.18 -29.13 -9.54
CA PRO D 205 -3.35 -30.09 -10.64
C PRO D 205 -4.10 -29.55 -11.83
N VAL D 206 -5.08 -28.65 -11.64
CA VAL D 206 -5.80 -28.12 -12.81
C VAL D 206 -4.86 -27.22 -13.60
N LEU D 207 -3.86 -26.64 -12.94
CA LEU D 207 -2.76 -25.97 -13.64
C LEU D 207 -1.75 -26.98 -14.14
N ARG D 208 -1.38 -27.96 -13.30
CA ARG D 208 -0.42 -29.01 -13.66
C ARG D 208 -1.18 -30.26 -14.10
N GLU D 216 5.57 -26.30 -18.68
CA GLU D 216 6.90 -26.13 -18.10
C GLU D 216 7.49 -24.76 -18.42
N ILE D 217 7.01 -24.16 -19.51
CA ILE D 217 7.47 -22.82 -19.83
C ILE D 217 6.81 -21.79 -18.92
N ALA D 218 5.53 -21.99 -18.61
CA ALA D 218 4.85 -21.08 -17.69
C ALA D 218 5.26 -21.30 -16.24
N LEU D 219 6.05 -22.33 -15.96
CA LEU D 219 6.51 -22.63 -14.61
C LEU D 219 7.94 -22.15 -14.36
N ASP D 220 8.78 -22.13 -15.39
CA ASP D 220 10.09 -21.49 -15.28
C ASP D 220 9.97 -19.97 -15.32
N ALA D 221 8.92 -19.46 -15.99
CA ALA D 221 8.70 -18.02 -16.09
C ALA D 221 8.36 -17.41 -14.74
N ALA D 222 7.49 -18.09 -13.97
CA ALA D 222 7.16 -17.63 -12.63
C ALA D 222 8.37 -17.73 -11.72
N ARG D 223 9.17 -18.78 -11.88
CA ARG D 223 10.36 -18.95 -11.05
C ARG D 223 11.33 -17.79 -11.22
N LYS D 224 11.40 -17.20 -12.42
CA LYS D 224 12.35 -16.13 -12.68
C LYS D 224 11.87 -14.80 -12.12
N LYS D 225 10.55 -14.60 -12.03
CA LYS D 225 10.00 -13.37 -11.46
C LYS D 225 9.99 -13.39 -9.93
N SER D 226 10.11 -14.57 -9.32
CA SER D 226 10.10 -14.71 -7.88
C SER D 226 11.49 -14.50 -7.30
N THR D 227 11.55 -14.38 -5.97
CA THR D 227 12.82 -14.38 -5.26
C THR D 227 13.11 -15.71 -4.58
N THR D 228 12.09 -16.54 -4.35
CA THR D 228 12.32 -17.90 -3.87
C THR D 228 12.87 -18.80 -4.97
N GLY D 229 12.67 -18.44 -6.23
CA GLY D 229 13.17 -19.24 -7.34
C GLY D 229 12.48 -20.56 -7.53
N ARG D 230 11.33 -20.78 -6.91
CA ARG D 230 10.64 -22.06 -7.05
C ARG D 230 9.14 -21.83 -7.04
N ILE D 231 8.42 -22.78 -7.62
CA ILE D 231 6.96 -22.77 -7.57
C ILE D 231 6.51 -23.33 -6.24
N ALA D 232 5.65 -22.60 -5.55
CA ALA D 232 5.18 -23.05 -4.24
C ALA D 232 4.04 -24.04 -4.39
N ARG D 233 3.87 -24.84 -3.36
CA ARG D 233 2.90 -25.88 -3.23
C ARG D 233 1.58 -25.32 -2.71
N PRO D 234 0.47 -26.00 -2.98
CA PRO D 234 -0.78 -25.61 -2.30
C PRO D 234 -0.67 -25.65 -0.78
N GLU D 235 0.18 -26.53 -0.25
CA GLU D 235 0.26 -26.72 1.19
C GLU D 235 0.93 -25.53 1.88
N ASP D 236 1.80 -24.82 1.18
CA ASP D 236 2.42 -23.62 1.75
C ASP D 236 1.38 -22.51 1.93
N VAL D 237 0.63 -22.20 0.87
CA VAL D 237 -0.35 -21.13 0.92
C VAL D 237 -1.50 -21.50 1.84
N ALA D 238 -1.77 -22.80 2.02
CA ALA D 238 -2.81 -23.21 2.95
C ALA D 238 -2.48 -22.80 4.37
N GLU D 239 -1.20 -22.72 4.72
CA GLU D 239 -0.83 -22.29 6.06
C GLU D 239 -1.32 -20.87 6.34
N ALA D 240 -1.47 -20.04 5.33
CA ALA D 240 -1.92 -18.65 5.49
C ALA D 240 -3.37 -18.62 6.01
N TYR D 241 -4.21 -19.47 5.44
CA TYR D 241 -5.63 -19.53 5.83
C TYR D 241 -5.77 -20.03 7.26
N LEU D 242 -4.99 -21.03 7.59
CA LEU D 242 -4.94 -21.60 8.95
C LEU D 242 -4.43 -20.54 9.94
N TYR D 243 -3.33 -19.84 9.63
CA TYR D 243 -2.85 -18.75 10.46
C TYR D 243 -3.95 -17.73 10.77
N ILE D 244 -4.67 -17.28 9.74
CA ILE D 244 -5.72 -16.29 9.94
C ILE D 244 -6.81 -16.82 10.86
N MET D 245 -7.07 -18.12 10.84
CA MET D 245 -8.04 -18.71 11.77
C MET D 245 -7.56 -18.57 13.21
N LYS D 246 -6.24 -18.71 13.43
CA LYS D 246 -5.71 -18.79 14.78
C LYS D 246 -5.35 -17.46 15.40
N ASP D 247 -4.93 -16.47 14.61
CA ASP D 247 -4.61 -15.13 15.11
C ASP D 247 -5.91 -14.35 15.23
N GLN D 248 -6.41 -14.22 16.45
CA GLN D 248 -7.65 -13.50 16.72
C GLN D 248 -7.45 -11.99 16.71
N ASN D 249 -6.30 -11.52 16.24
CA ASN D 249 -6.00 -10.10 16.15
C ASN D 249 -6.02 -9.58 14.72
N ILE D 250 -6.02 -10.45 13.71
CA ILE D 250 -5.78 -10.04 12.33
C ILE D 250 -7.12 -9.86 11.62
N THR D 251 -7.34 -8.65 11.09
CA THR D 251 -8.53 -8.36 10.32
C THR D 251 -8.26 -7.17 9.42
N GLY D 252 -8.91 -7.17 8.27
CA GLY D 252 -8.84 -6.07 7.33
C GLY D 252 -7.62 -6.03 6.43
N THR D 253 -6.83 -7.09 6.38
CA THR D 253 -5.59 -7.00 5.63
C THR D 253 -5.55 -8.03 4.52
N VAL D 254 -4.64 -7.77 3.58
CA VAL D 254 -4.34 -8.65 2.46
C VAL D 254 -3.01 -9.32 2.78
N LEU D 255 -3.05 -10.63 2.98
CA LEU D 255 -1.85 -11.42 3.27
C LEU D 255 -1.26 -11.89 1.95
N GLU D 256 -0.07 -11.40 1.62
CA GLU D 256 0.56 -11.62 0.32
C GLU D 256 1.55 -12.77 0.42
N THR D 257 1.21 -13.91 -0.18
CA THR D 257 2.10 -15.06 -0.23
C THR D 257 2.29 -15.43 -1.70
N SER D 258 3.31 -14.82 -2.32
CA SER D 258 3.49 -14.87 -3.76
C SER D 258 4.98 -14.88 -4.17
N ALA D 259 5.82 -15.49 -3.33
CA ALA D 259 7.16 -15.90 -3.71
C ALA D 259 8.12 -14.76 -3.98
N GLY D 260 7.78 -13.54 -3.59
CA GLY D 260 8.63 -12.41 -3.87
C GLY D 260 8.47 -11.86 -5.27
N MET D 261 7.50 -12.34 -6.03
CA MET D 261 7.28 -11.78 -7.36
C MET D 261 6.91 -10.31 -7.30
N LEU D 262 6.25 -9.88 -6.23
CA LEU D 262 5.84 -8.49 -6.11
C LEU D 262 7.03 -7.55 -5.91
N LEU D 263 8.19 -8.09 -5.53
CA LEU D 263 9.39 -7.28 -5.41
C LEU D 263 10.01 -6.96 -6.77
N ARG D 264 9.53 -7.58 -7.83
CA ARG D 264 10.10 -7.39 -9.15
C ARG D 264 9.07 -6.82 -10.11
#